data_4K3R
#
_entry.id   4K3R
#
_cell.length_a   79.960
_cell.length_b   67.090
_cell.length_c   81.180
_cell.angle_alpha   90.000
_cell.angle_beta   113.820
_cell.angle_gamma   90.000
#
_symmetry.space_group_name_H-M   'P 1 21 1'
#
loop_
_entity.id
_entity.type
_entity.pdbx_description
1 polymer 'DNA polymerase III subunit beta'
2 polymer (ACE)QLDLA
3 non-polymer DI(HYDROXYETHYL)ETHER
4 non-polymer 'CALCIUM ION'
5 non-polymer 'TRIETHYLENE GLYCOL'
6 non-polymer 'CHLORIDE ION'
7 non-polymer 'TETRAETHYLENE GLYCOL'
8 water water
#
loop_
_entity_poly.entity_id
_entity_poly.type
_entity_poly.pdbx_seq_one_letter_code
_entity_poly.pdbx_strand_id
1 'polypeptide(L)'
;MKFTVEREHLLKPLQQVSGPLGGRPTLPILGNLLLQVADGTLSLTGTDLEMEMVARVALVQPHEPGATTVPARKFFDICR
GLPEGAEIAVQLEGERMLVRSGRSRFSLSTLPAADFPNLDDWQSEVEFTLPQATMKRLIEATQFSMAHQDVRYYLNGMLF
ETEGEELRTVATDGHRLAVCSMPIGQSLPSHSVIVPRKGVIELMRMLDGGDNPLRVQIGSNNIRAHVGDFIFTSKLVDGR
FPDYRRVLPKNPDKHLEAGCDLLKQAFARAAILSNEKFRGVRLYVSENQLKITANNPEQEEAEEILDVTYSGAEMEIGFN
VSYVLDVLNALKCENVRMMLTDSVSSVQIEDAASQSAAYVVMPMRL
;
A,B
2 'polypeptide(L)' (ACE)QLDLA E
#
loop_
_chem_comp.id
_chem_comp.type
_chem_comp.name
_chem_comp.formula
ACE non-polymer 'ACETYL GROUP' 'C2 H4 O'
CA non-polymer 'CALCIUM ION' 'Ca 2'
CL non-polymer 'CHLORIDE ION' 'Cl -1'
PEG non-polymer DI(HYDROXYETHYL)ETHER 'C4 H10 O3'
PG4 non-polymer 'TETRAETHYLENE GLYCOL' 'C8 H18 O5'
PGE non-polymer 'TRIETHYLENE GLYCOL' 'C6 H14 O4'
#
# COMPACT_ATOMS: atom_id res chain seq x y z
N MET A 1 2.13 18.94 -35.82
CA MET A 1 2.73 17.75 -35.17
C MET A 1 1.75 16.57 -35.22
N LYS A 2 2.17 15.46 -35.82
CA LYS A 2 1.37 14.24 -35.88
C LYS A 2 2.25 13.02 -35.69
N PHE A 3 1.76 12.06 -34.91
CA PHE A 3 2.36 10.73 -34.85
C PHE A 3 1.30 9.69 -34.53
N THR A 4 1.57 8.46 -34.96
CA THR A 4 0.74 7.32 -34.61
C THR A 4 1.66 6.22 -34.14
N VAL A 5 1.45 5.78 -32.89
CA VAL A 5 2.34 4.82 -32.26
C VAL A 5 1.53 3.79 -31.49
N GLU A 6 2.05 2.56 -31.41
CA GLU A 6 1.39 1.55 -30.61
C GLU A 6 1.53 1.91 -29.14
N ARG A 7 0.50 1.57 -28.36
CA ARG A 7 0.45 1.87 -26.93
C ARG A 7 1.67 1.36 -26.19
N GLU A 8 2.10 0.15 -26.53
CA GLU A 8 3.22 -0.51 -25.85
C GLU A 8 4.55 0.22 -26.03
N HIS A 9 4.70 0.98 -27.10
CA HIS A 9 5.91 1.76 -27.33
C HIS A 9 5.84 3.13 -26.66
N LEU A 10 4.64 3.57 -26.28
CA LEU A 10 4.44 4.84 -25.58
C LEU A 10 4.43 4.73 -24.06
N LEU A 11 3.93 3.60 -23.55
CA LEU A 11 3.68 3.43 -22.12
C LEU A 11 4.90 3.60 -21.25
N LYS A 12 5.90 2.75 -21.46
CA LYS A 12 7.12 2.78 -20.65
C LYS A 12 7.79 4.17 -20.69
N PRO A 13 8.01 4.72 -21.89
CA PRO A 13 8.55 6.07 -21.98
C PRO A 13 7.74 7.13 -21.21
N LEU A 14 6.42 7.11 -21.35
CA LEU A 14 5.56 8.06 -20.60
C LEU A 14 5.69 7.90 -19.09
N GLN A 15 5.60 6.65 -18.65
CA GLN A 15 5.87 6.27 -17.26
C GLN A 15 7.18 6.87 -16.75
N GLN A 16 8.27 6.64 -17.49
CA GLN A 16 9.61 7.07 -17.06
C GLN A 16 9.73 8.59 -16.96
N VAL A 17 9.23 9.30 -17.96
CA VAL A 17 9.33 10.77 -17.97
C VAL A 17 8.35 11.45 -17.00
N SER A 18 7.23 10.78 -16.69
CA SER A 18 6.14 11.40 -15.91
C SER A 18 6.32 11.37 -14.38
N GLY A 19 7.20 10.49 -13.90
CA GLY A 19 7.46 10.39 -12.46
C GLY A 19 8.37 11.49 -11.94
N LEU A 27 5.38 26.93 -11.30
CA LEU A 27 5.15 27.06 -12.73
C LEU A 27 4.32 25.86 -13.23
N PRO A 28 3.05 26.10 -13.61
CA PRO A 28 2.17 25.03 -14.12
C PRO A 28 2.81 24.17 -15.22
N ILE A 29 3.61 24.77 -16.09
CA ILE A 29 4.18 24.02 -17.22
C ILE A 29 5.05 22.83 -16.76
N LEU A 30 5.50 22.85 -15.51
CA LEU A 30 6.29 21.74 -14.98
C LEU A 30 5.45 20.47 -14.78
N GLY A 31 4.12 20.61 -14.77
CA GLY A 31 3.21 19.46 -14.73
C GLY A 31 2.90 18.92 -16.12
N ASN A 32 3.49 19.52 -17.16
CA ASN A 32 3.33 19.03 -18.51
C ASN A 32 4.56 18.29 -19.03
N LEU A 33 4.35 17.48 -20.06
CA LEU A 33 5.45 16.85 -20.78
C LEU A 33 5.65 17.57 -22.09
N LEU A 34 6.91 17.82 -22.42
CA LEU A 34 7.30 18.34 -23.73
C LEU A 34 7.33 17.21 -24.74
N LEU A 35 6.56 17.35 -25.82
CA LEU A 35 6.55 16.39 -26.92
C LEU A 35 7.16 17.03 -28.15
N GLN A 36 8.15 16.37 -28.75
CA GLN A 36 8.79 16.88 -29.98
C GLN A 36 8.89 15.78 -31.02
N VAL A 37 8.34 16.04 -32.22
CA VAL A 37 8.55 15.18 -33.37
C VAL A 37 9.58 15.84 -34.29
N ALA A 38 10.68 15.13 -34.55
CA ALA A 38 11.75 15.62 -35.41
C ALA A 38 12.57 14.43 -35.89
N ASP A 39 12.88 14.42 -37.18
CA ASP A 39 13.73 13.39 -37.80
C ASP A 39 13.29 11.95 -37.52
N GLY A 40 12.00 11.67 -37.65
CA GLY A 40 11.49 10.32 -37.40
C GLY A 40 11.64 9.82 -35.98
N THR A 41 11.63 10.74 -35.02
CA THR A 41 11.72 10.39 -33.60
C THR A 41 10.79 11.30 -32.79
N LEU A 42 10.03 10.69 -31.89
CA LEU A 42 9.28 11.42 -30.87
C LEU A 42 10.10 11.48 -29.60
N SER A 43 10.30 12.69 -29.08
CA SER A 43 10.96 12.88 -27.81
C SER A 43 9.95 13.35 -26.77
N LEU A 44 10.05 12.77 -25.57
CA LEU A 44 9.22 13.16 -24.44
C LEU A 44 10.14 13.61 -23.31
N THR A 45 9.91 14.81 -22.78
CA THR A 45 10.72 15.32 -21.70
C THR A 45 9.86 15.75 -20.51
N GLY A 46 10.36 15.45 -19.31
CA GLY A 46 9.78 15.93 -18.05
C GLY A 46 10.89 16.51 -17.19
N THR A 47 10.57 17.57 -16.44
CA THR A 47 11.54 18.25 -15.59
C THR A 47 10.91 18.91 -14.35
N ASP A 48 11.73 19.14 -13.33
CA ASP A 48 11.36 19.96 -12.18
C ASP A 48 12.31 21.15 -11.98
N LEU A 49 13.10 21.46 -13.02
CA LEU A 49 14.17 22.47 -12.99
C LEU A 49 15.49 21.94 -12.41
N GLU A 50 15.41 20.99 -11.47
CA GLU A 50 16.60 20.39 -10.88
C GLU A 50 17.08 19.21 -11.72
N MET A 51 16.15 18.38 -12.18
CA MET A 51 16.46 17.20 -12.99
C MET A 51 15.52 17.06 -14.18
N GLU A 52 15.92 16.22 -15.13
CA GLU A 52 15.21 16.06 -16.41
C GLU A 52 15.32 14.63 -16.95
N MET A 53 14.20 14.06 -17.40
CA MET A 53 14.20 12.76 -18.07
C MET A 53 13.71 12.93 -19.50
N VAL A 54 14.47 12.38 -20.45
CA VAL A 54 14.11 12.42 -21.87
C VAL A 54 14.04 11.01 -22.42
N ALA A 55 12.96 10.69 -23.14
CA ALA A 55 12.86 9.41 -23.83
C ALA A 55 12.77 9.68 -25.32
N ARG A 56 13.35 8.79 -26.11
CA ARG A 56 13.20 8.85 -27.56
C ARG A 56 12.46 7.63 -28.05
N VAL A 57 11.49 7.87 -28.93
CA VAL A 57 10.68 6.81 -29.50
C VAL A 57 10.78 6.93 -31.01
N ALA A 58 11.23 5.86 -31.68
CA ALA A 58 11.26 5.82 -33.14
C ALA A 58 9.85 5.81 -33.70
N LEU A 59 9.63 6.61 -34.74
CA LEU A 59 8.34 6.67 -35.44
C LEU A 59 8.42 5.93 -36.77
N VAL A 60 7.88 4.72 -36.79
CA VAL A 60 7.89 3.88 -38.00
C VAL A 60 6.67 4.11 -38.89
N GLN A 61 5.66 4.82 -38.37
CA GLN A 61 4.49 5.19 -39.16
C GLN A 61 4.61 6.64 -39.62
N PRO A 62 3.80 7.04 -40.63
CA PRO A 62 3.72 8.44 -41.06
C PRO A 62 3.62 9.41 -39.89
N HIS A 63 4.33 10.53 -39.97
CA HIS A 63 4.39 11.51 -38.88
C HIS A 63 4.74 12.87 -39.44
N GLU A 64 4.43 13.91 -38.67
CA GLU A 64 4.70 15.29 -39.06
C GLU A 64 5.40 16.02 -37.92
N PRO A 65 6.42 16.84 -38.26
CA PRO A 65 7.23 17.50 -37.23
C PRO A 65 6.48 18.59 -36.47
N GLY A 66 6.95 18.88 -35.25
CA GLY A 66 6.40 19.93 -34.42
C GLY A 66 6.55 19.61 -32.94
N ALA A 67 6.24 20.56 -32.08
CA ALA A 67 6.34 20.36 -30.64
C ALA A 67 5.22 21.00 -29.88
N THR A 68 4.87 20.39 -28.75
CA THR A 68 3.92 20.96 -27.84
C THR A 68 4.17 20.40 -26.46
N THR A 69 3.30 20.78 -25.53
CA THR A 69 3.43 20.47 -24.13
C THR A 69 2.00 20.11 -23.65
N VAL A 70 1.84 18.99 -22.93
N VAL A 70 1.86 19.06 -22.85
CA VAL A 70 0.52 18.52 -22.47
CA VAL A 70 0.56 18.50 -22.49
C VAL A 70 0.61 18.00 -21.03
C VAL A 70 0.60 17.93 -21.06
N PRO A 71 -0.53 18.03 -20.30
CA PRO A 71 -0.58 17.51 -18.92
C PRO A 71 -0.08 16.07 -18.80
N ALA A 72 0.92 15.87 -17.95
CA ALA A 72 1.66 14.61 -17.88
C ALA A 72 0.78 13.46 -17.40
N ARG A 73 0.20 13.63 -16.22
CA ARG A 73 -0.66 12.61 -15.61
C ARG A 73 -1.86 12.28 -16.50
N LYS A 74 -2.56 13.29 -16.99
CA LYS A 74 -3.72 13.04 -17.85
C LYS A 74 -3.35 12.30 -19.12
N PHE A 75 -2.24 12.67 -19.77
CA PHE A 75 -1.83 11.96 -20.99
C PHE A 75 -1.42 10.52 -20.69
N PHE A 76 -0.65 10.32 -19.62
CA PHE A 76 -0.29 8.96 -19.20
C PHE A 76 -1.52 8.13 -18.89
N ASP A 77 -2.46 8.71 -18.12
CA ASP A 77 -3.63 7.96 -17.65
C ASP A 77 -4.50 7.55 -18.84
N ILE A 78 -4.65 8.43 -19.82
CA ILE A 78 -5.40 8.10 -21.05
C ILE A 78 -4.77 6.90 -21.77
N CYS A 79 -3.47 6.99 -22.05
CA CYS A 79 -2.76 5.92 -22.77
C CYS A 79 -2.79 4.59 -22.00
N ARG A 80 -2.55 4.67 -20.69
CA ARG A 80 -2.61 3.50 -19.79
C ARG A 80 -4.01 2.88 -19.72
N GLY A 81 -5.03 3.71 -19.85
CA GLY A 81 -6.42 3.25 -19.80
C GLY A 81 -6.87 2.56 -21.07
N LEU A 82 -6.18 2.82 -22.18
CA LEU A 82 -6.50 2.20 -23.45
C LEU A 82 -6.12 0.72 -23.46
N PRO A 83 -6.76 -0.08 -24.33
CA PRO A 83 -6.60 -1.54 -24.28
C PRO A 83 -5.27 -2.03 -24.86
N GLU A 84 -4.88 -3.23 -24.46
CA GLU A 84 -3.68 -3.87 -24.98
C GLU A 84 -3.71 -3.84 -26.51
N GLY A 85 -2.59 -3.45 -27.11
CA GLY A 85 -2.47 -3.44 -28.57
C GLY A 85 -3.11 -2.25 -29.25
N ALA A 86 -3.54 -1.25 -28.49
CA ALA A 86 -4.11 -0.05 -29.07
C ALA A 86 -3.07 0.75 -29.85
N GLU A 87 -3.49 1.36 -30.95
CA GLU A 87 -2.69 2.36 -31.66
C GLU A 87 -3.19 3.74 -31.23
N ILE A 88 -2.25 4.65 -30.97
CA ILE A 88 -2.60 5.97 -30.46
C ILE A 88 -2.15 7.04 -31.46
N ALA A 89 -3.12 7.68 -32.11
CA ALA A 89 -2.87 8.77 -33.04
C ALA A 89 -2.98 10.10 -32.33
N VAL A 90 -1.99 10.96 -32.52
CA VAL A 90 -1.90 12.24 -31.83
C VAL A 90 -1.66 13.31 -32.86
N GLN A 91 -2.36 14.43 -32.71
CA GLN A 91 -2.14 15.60 -33.56
C GLN A 91 -2.52 16.89 -32.86
N LEU A 92 -1.84 17.96 -33.24
CA LEU A 92 -2.06 19.28 -32.66
C LEU A 92 -3.18 19.94 -33.46
N GLU A 93 -4.20 20.44 -32.76
CA GLU A 93 -5.30 21.16 -33.39
C GLU A 93 -5.64 22.40 -32.58
N GLY A 94 -5.24 23.56 -33.09
CA GLY A 94 -5.43 24.82 -32.39
C GLY A 94 -4.53 24.89 -31.16
N GLU A 95 -5.15 25.14 -30.01
CA GLU A 95 -4.45 25.13 -28.72
C GLU A 95 -4.66 23.81 -27.98
N ARG A 96 -5.12 22.78 -28.68
CA ARG A 96 -5.40 21.47 -28.09
C ARG A 96 -4.56 20.38 -28.75
N MET A 97 -4.32 19.31 -28.02
CA MET A 97 -3.70 18.11 -28.59
C MET A 97 -4.75 17.01 -28.60
N LEU A 98 -5.04 16.49 -29.79
CA LEU A 98 -6.05 15.46 -29.94
C LEU A 98 -5.39 14.10 -29.87
N VAL A 99 -6.00 13.18 -29.13
CA VAL A 99 -5.54 11.81 -29.02
C VAL A 99 -6.70 10.91 -29.44
N ARG A 100 -6.43 9.98 -30.36
CA ARG A 100 -7.45 9.06 -30.86
C ARG A 100 -6.93 7.63 -30.87
N SER A 101 -7.76 6.71 -30.40
CA SER A 101 -7.48 5.28 -30.47
C SER A 101 -8.83 4.55 -30.51
N GLY A 102 -9.02 3.72 -31.53
CA GLY A 102 -10.30 3.06 -31.76
C GLY A 102 -11.36 4.14 -31.91
N ARG A 103 -12.41 4.05 -31.09
CA ARG A 103 -13.40 5.10 -31.02
C ARG A 103 -13.37 5.82 -29.66
N SER A 104 -12.16 5.95 -29.13
CA SER A 104 -11.91 6.79 -27.97
C SER A 104 -11.21 8.04 -28.51
N ARG A 105 -11.70 9.22 -28.10
CA ARG A 105 -11.15 10.50 -28.52
C ARG A 105 -10.98 11.42 -27.30
N PHE A 106 -9.86 12.14 -27.27
CA PHE A 106 -9.57 13.05 -26.17
C PHE A 106 -8.94 14.32 -26.71
N SER A 107 -9.30 15.45 -26.11
CA SER A 107 -8.73 16.75 -26.44
C SER A 107 -8.10 17.32 -25.17
N LEU A 108 -6.77 17.43 -25.16
CA LEU A 108 -6.03 17.94 -24.01
C LEU A 108 -5.58 19.38 -24.20
N SER A 109 -5.51 20.12 -23.11
CA SER A 109 -5.01 21.49 -23.14
C SER A 109 -3.50 21.42 -23.34
N THR A 110 -2.93 22.48 -23.90
CA THR A 110 -1.49 22.55 -24.12
C THR A 110 -0.91 23.86 -23.59
N LEU A 111 0.40 23.85 -23.35
CA LEU A 111 1.17 25.08 -23.16
C LEU A 111 2.27 25.07 -24.21
N PRO A 112 2.71 26.26 -24.67
CA PRO A 112 3.65 26.28 -25.79
C PRO A 112 5.00 25.61 -25.49
N ALA A 113 5.55 24.90 -26.48
CA ALA A 113 6.84 24.23 -26.31
C ALA A 113 7.96 25.23 -26.05
N ALA A 114 7.87 26.41 -26.65
CA ALA A 114 8.89 27.46 -26.43
C ALA A 114 8.96 27.93 -24.97
N ASP A 115 7.88 27.69 -24.21
CA ASP A 115 7.86 28.02 -22.77
C ASP A 115 8.45 26.92 -21.89
N PHE A 116 8.73 25.74 -22.44
CA PHE A 116 9.21 24.63 -21.62
C PHE A 116 10.64 24.87 -21.17
N PRO A 117 10.90 24.74 -19.86
CA PRO A 117 12.25 25.10 -19.39
C PRO A 117 13.31 24.12 -19.87
N ASN A 118 14.45 24.66 -20.31
CA ASN A 118 15.60 23.88 -20.71
C ASN A 118 16.71 24.04 -19.67
N LEU A 119 17.28 22.92 -19.24
CA LEU A 119 18.47 22.97 -18.41
C LEU A 119 19.62 23.55 -19.25
N ASP A 120 20.50 24.29 -18.59
CA ASP A 120 21.68 24.87 -19.27
C ASP A 120 22.56 23.76 -19.82
N ASP A 121 23.28 24.07 -20.89
CA ASP A 121 24.30 23.16 -21.41
C ASP A 121 25.51 23.11 -20.47
N TRP A 122 26.17 21.96 -20.45
CA TRP A 122 27.36 21.76 -19.62
C TRP A 122 28.25 20.69 -20.26
N GLN A 123 29.52 20.67 -19.86
CA GLN A 123 30.52 19.80 -20.46
C GLN A 123 30.80 18.58 -19.60
N SER A 124 30.92 17.43 -20.24
CA SER A 124 31.26 16.18 -19.58
C SER A 124 32.76 16.16 -19.23
N GLU A 125 33.09 15.95 -17.95
CA GLU A 125 34.47 15.86 -17.49
C GLU A 125 34.91 14.42 -17.20
N VAL A 126 33.98 13.58 -16.78
CA VAL A 126 34.28 12.16 -16.49
C VAL A 126 33.20 11.29 -17.14
N GLU A 127 33.63 10.22 -17.79
CA GLU A 127 32.71 9.30 -18.46
C GLU A 127 33.11 7.87 -18.21
N PHE A 128 32.11 7.03 -17.97
CA PHE A 128 32.30 5.60 -17.92
C PHE A 128 30.99 4.87 -18.20
N THR A 129 31.11 3.60 -18.53
CA THR A 129 29.99 2.71 -18.76
C THR A 129 30.03 1.62 -17.70
N LEU A 130 28.87 1.07 -17.37
CA LEU A 130 28.79 -0.08 -16.47
C LEU A 130 27.49 -0.86 -16.69
N PRO A 131 27.45 -2.14 -16.27
CA PRO A 131 26.19 -2.85 -16.39
C PRO A 131 25.10 -2.27 -15.52
N GLN A 132 23.86 -2.34 -16.01
CA GLN A 132 22.70 -1.86 -15.29
C GLN A 132 22.63 -2.47 -13.89
N ALA A 133 22.95 -3.77 -13.80
CA ALA A 133 22.87 -4.49 -12.54
C ALA A 133 23.92 -4.03 -11.52
N THR A 134 25.04 -3.47 -12.00
CA THR A 134 26.07 -2.94 -11.13
C THR A 134 25.59 -1.65 -10.46
N MET A 135 24.90 -0.79 -11.23
CA MET A 135 24.31 0.43 -10.69
C MET A 135 23.21 0.11 -9.69
N LYS A 136 22.33 -0.83 -10.04
CA LYS A 136 21.27 -1.29 -9.15
C LYS A 136 21.83 -1.79 -7.81
N ARG A 137 22.87 -2.62 -7.89
CA ARG A 137 23.57 -3.13 -6.69
C ARG A 137 24.12 -1.98 -5.85
N LEU A 138 24.79 -1.02 -6.49
CA LEU A 138 25.40 0.12 -5.81
C LEU A 138 24.38 0.97 -5.06
N ILE A 139 23.23 1.25 -5.69
CA ILE A 139 22.22 2.10 -5.07
C ILE A 139 21.45 1.38 -3.96
N GLU A 140 20.92 0.20 -4.26
N GLU A 140 20.93 0.20 -4.26
CA GLU A 140 20.13 -0.57 -3.30
CA GLU A 140 20.11 -0.53 -3.28
C GLU A 140 20.94 -0.95 -2.05
C GLU A 140 20.93 -0.97 -2.06
N ALA A 141 22.25 -1.05 -2.19
CA ALA A 141 23.15 -1.39 -1.08
C ALA A 141 23.25 -0.26 -0.06
N THR A 142 23.05 0.98 -0.49
CA THR A 142 23.34 2.14 0.36
C THR A 142 22.17 3.11 0.56
N GLN A 143 21.16 3.08 -0.31
CA GLN A 143 20.12 4.14 -0.34
C GLN A 143 19.46 4.38 1.01
N PHE A 144 19.22 3.31 1.76
CA PHE A 144 18.53 3.40 3.05
C PHE A 144 19.30 4.21 4.12
N SER A 145 20.61 4.37 3.95
CA SER A 145 21.42 5.10 4.94
C SER A 145 21.52 6.61 4.68
N MET A 146 20.90 7.10 3.61
CA MET A 146 20.85 8.55 3.33
C MET A 146 20.04 9.25 4.40
N ALA A 147 20.37 10.50 4.69
CA ALA A 147 19.62 11.26 5.70
C ALA A 147 18.23 11.59 5.20
N HIS A 148 17.33 11.85 6.15
CA HIS A 148 15.96 12.26 5.87
C HIS A 148 15.76 13.73 6.23
N GLN A 149 15.90 14.61 5.23
CA GLN A 149 15.70 16.06 5.41
C GLN A 149 16.58 16.64 6.52
N ASP A 150 17.85 16.28 6.50
CA ASP A 150 18.83 16.83 7.43
C ASP A 150 19.18 18.23 6.99
N VAL A 151 19.44 19.12 7.95
CA VAL A 151 19.88 20.49 7.64
C VAL A 151 21.30 20.51 7.07
N ARG A 152 22.01 19.38 7.18
CA ARG A 152 23.24 19.17 6.44
C ARG A 152 22.83 18.54 5.11
N TYR A 153 22.58 19.40 4.12
CA TYR A 153 21.94 18.97 2.84
C TYR A 153 22.67 17.87 2.11
N TYR A 154 24.00 17.93 2.17
CA TYR A 154 24.84 16.95 1.50
C TYR A 154 24.57 15.51 1.98
N LEU A 155 24.03 15.36 3.19
CA LEU A 155 23.69 14.05 3.77
C LEU A 155 22.39 13.47 3.24
N ASN A 156 21.57 14.32 2.61
CA ASN A 156 20.30 13.90 2.03
C ASN A 156 20.46 13.23 0.67
N GLY A 157 21.66 13.31 0.10
CA GLY A 157 21.96 12.69 -1.19
C GLY A 157 22.87 11.48 -1.06
N MET A 158 23.42 11.05 -2.19
CA MET A 158 24.32 9.89 -2.24
C MET A 158 25.62 10.28 -2.90
N LEU A 159 26.73 9.99 -2.22
CA LEU A 159 28.05 10.19 -2.81
C LEU A 159 28.28 9.12 -3.86
N PHE A 160 28.75 9.54 -5.03
CA PHE A 160 29.21 8.65 -6.09
C PHE A 160 30.68 8.95 -6.32
N GLU A 161 31.55 7.98 -6.04
CA GLU A 161 32.98 8.19 -6.07
C GLU A 161 33.62 7.24 -7.08
N THR A 162 34.53 7.77 -7.89
CA THR A 162 35.36 6.95 -8.76
C THR A 162 36.78 6.90 -8.17
N GLU A 163 37.36 5.69 -8.14
CA GLU A 163 38.72 5.49 -7.65
C GLU A 163 39.29 4.23 -8.27
N GLY A 164 40.40 4.36 -8.99
CA GLY A 164 41.00 3.22 -9.68
C GLY A 164 40.12 2.81 -10.84
N GLU A 165 39.57 1.60 -10.76
CA GLU A 165 38.55 1.13 -11.69
C GLU A 165 37.22 0.81 -10.98
N GLU A 166 37.04 1.38 -9.79
CA GLU A 166 35.84 1.11 -9.00
C GLU A 166 34.91 2.30 -8.97
N LEU A 167 33.61 2.03 -9.08
CA LEU A 167 32.59 3.02 -8.77
C LEU A 167 32.09 2.69 -7.37
N ARG A 168 31.95 3.73 -6.54
CA ARG A 168 31.56 3.55 -5.14
C ARG A 168 30.41 4.46 -4.77
N THR A 169 29.43 3.93 -4.03
CA THR A 169 28.38 4.77 -3.42
C THR A 169 28.54 4.82 -1.91
N VAL A 170 28.24 5.99 -1.32
CA VAL A 170 28.29 6.15 0.11
C VAL A 170 27.08 6.96 0.54
N ALA A 171 26.44 6.48 1.59
CA ALA A 171 25.27 7.15 2.15
C ALA A 171 25.39 7.14 3.66
N THR A 172 25.05 8.26 4.30
CA THR A 172 25.16 8.38 5.74
C THR A 172 24.29 9.52 6.25
N ASP A 173 23.80 9.35 7.47
CA ASP A 173 22.95 10.32 8.14
C ASP A 173 23.56 10.85 9.44
N GLY A 174 24.85 10.63 9.63
CA GLY A 174 25.55 11.06 10.84
C GLY A 174 25.55 10.07 11.99
N HIS A 175 24.70 9.05 11.90
CA HIS A 175 24.62 7.98 12.90
C HIS A 175 25.05 6.62 12.33
N ARG A 176 24.62 6.34 11.11
CA ARG A 176 24.98 5.11 10.43
C ARG A 176 25.39 5.39 8.99
N LEU A 177 26.08 4.43 8.38
CA LEU A 177 26.69 4.65 7.08
C LEU A 177 26.68 3.35 6.29
N ALA A 178 26.51 3.50 4.98
CA ALA A 178 26.57 2.41 4.03
C ALA A 178 27.58 2.76 2.95
N VAL A 179 28.41 1.79 2.57
CA VAL A 179 29.35 1.97 1.47
C VAL A 179 29.40 0.71 0.62
N CYS A 180 29.44 0.90 -0.70
CA CYS A 180 29.48 -0.21 -1.64
C CYS A 180 30.37 0.16 -2.83
N SER A 181 31.31 -0.72 -3.16
CA SER A 181 32.27 -0.48 -4.25
C SER A 181 32.19 -1.63 -5.23
N MET A 182 32.21 -1.32 -6.52
CA MET A 182 32.13 -2.34 -7.57
C MET A 182 33.09 -2.02 -8.70
N PRO A 183 33.79 -3.05 -9.20
CA PRO A 183 34.71 -2.85 -10.32
C PRO A 183 33.91 -2.68 -11.61
N ILE A 184 34.35 -1.77 -12.47
CA ILE A 184 33.71 -1.57 -13.77
C ILE A 184 34.69 -1.62 -14.95
N GLY A 185 35.93 -2.04 -14.68
CA GLY A 185 36.89 -2.39 -15.73
C GLY A 185 37.40 -1.24 -16.58
N GLN A 186 37.41 -0.04 -16.02
CA GLN A 186 37.84 1.16 -16.75
C GLN A 186 38.67 2.04 -15.85
N SER A 187 39.78 2.56 -16.39
CA SER A 187 40.66 3.46 -15.66
C SER A 187 39.95 4.80 -15.42
N LEU A 188 39.59 5.07 -14.17
CA LEU A 188 38.82 6.27 -13.83
C LEU A 188 39.66 7.30 -13.08
N PRO A 189 39.34 8.59 -13.24
CA PRO A 189 39.97 9.58 -12.40
C PRO A 189 39.41 9.50 -10.97
N SER A 190 40.20 9.89 -9.99
CA SER A 190 39.72 9.93 -8.60
C SER A 190 38.83 11.16 -8.47
N HIS A 191 37.53 10.94 -8.27
CA HIS A 191 36.55 12.02 -8.28
C HIS A 191 35.32 11.64 -7.46
N SER A 192 34.67 12.64 -6.86
CA SER A 192 33.51 12.42 -5.98
C SER A 192 32.45 13.48 -6.24
N VAL A 193 31.21 13.05 -6.39
CA VAL A 193 30.07 13.97 -6.50
C VAL A 193 28.90 13.49 -5.65
N ILE A 194 28.03 14.42 -5.25
CA ILE A 194 26.86 14.07 -4.44
C ILE A 194 25.61 14.23 -5.30
N VAL A 195 24.82 13.15 -5.40
CA VAL A 195 23.57 13.17 -6.17
C VAL A 195 22.38 13.31 -5.23
N PRO A 196 21.50 14.28 -5.49
CA PRO A 196 20.39 14.51 -4.55
C PRO A 196 19.43 13.32 -4.49
N ARG A 197 18.67 13.20 -3.41
N ARG A 197 18.70 13.21 -3.39
CA ARG A 197 17.84 12.02 -3.17
CA ARG A 197 17.78 12.09 -3.14
C ARG A 197 16.89 11.75 -4.34
C ARG A 197 16.90 11.76 -4.34
N LYS A 198 16.25 12.80 -4.87
CA LYS A 198 15.35 12.65 -6.02
C LYS A 198 16.07 12.12 -7.26
N GLY A 199 17.33 12.48 -7.42
CA GLY A 199 18.15 11.96 -8.50
C GLY A 199 18.43 10.46 -8.35
N VAL A 200 18.74 10.04 -7.13
CA VAL A 200 19.03 8.64 -6.87
C VAL A 200 17.78 7.80 -7.15
N ILE A 201 16.60 8.30 -6.77
CA ILE A 201 15.34 7.58 -7.03
C ILE A 201 15.15 7.39 -8.54
N GLU A 202 15.39 8.45 -9.31
CA GLU A 202 15.19 8.37 -10.76
C GLU A 202 16.21 7.48 -11.44
N LEU A 203 17.47 7.61 -11.03
CA LEU A 203 18.54 6.77 -11.55
C LEU A 203 18.18 5.29 -11.36
N MET A 204 17.65 4.97 -10.19
CA MET A 204 17.19 3.61 -9.90
C MET A 204 15.96 3.20 -10.73
N ARG A 205 15.04 4.13 -10.94
CA ARG A 205 13.82 3.84 -11.71
C ARG A 205 14.08 3.49 -13.17
N MET A 206 15.12 4.07 -13.77
CA MET A 206 15.38 3.88 -15.19
C MET A 206 16.06 2.54 -15.48
N LEU A 207 16.42 1.79 -14.44
CA LEU A 207 17.02 0.46 -14.61
C LEU A 207 15.91 -0.56 -14.84
N ASP A 208 15.69 -0.90 -16.11
CA ASP A 208 14.61 -1.81 -16.51
C ASP A 208 14.83 -3.26 -16.08
N GLY A 209 16.10 -3.68 -16.05
CA GLY A 209 16.47 -5.07 -15.72
C GLY A 209 16.83 -5.87 -16.96
N GLY A 210 17.60 -5.28 -17.87
CA GLY A 210 17.92 -5.90 -19.15
C GLY A 210 19.38 -5.77 -19.55
N ASP A 211 19.68 -6.10 -20.81
CA ASP A 211 21.05 -6.11 -21.32
C ASP A 211 21.62 -4.70 -21.51
N ASN A 212 20.74 -3.71 -21.75
CA ASN A 212 21.17 -2.34 -21.99
C ASN A 212 22.10 -1.80 -20.90
N PRO A 213 23.39 -1.58 -21.24
CA PRO A 213 24.31 -1.03 -20.24
C PRO A 213 24.11 0.47 -20.03
N LEU A 214 24.62 0.97 -18.91
CA LEU A 214 24.47 2.37 -18.52
C LEU A 214 25.69 3.15 -19.02
N ARG A 215 25.47 4.35 -19.53
CA ARG A 215 26.57 5.27 -19.81
C ARG A 215 26.38 6.50 -18.92
N VAL A 216 27.38 6.80 -18.11
CA VAL A 216 27.31 7.89 -17.15
C VAL A 216 28.25 8.99 -17.59
N GLN A 217 27.79 10.23 -17.45
CA GLN A 217 28.61 11.39 -17.73
C GLN A 217 28.52 12.35 -16.56
N ILE A 218 29.67 12.76 -16.02
CA ILE A 218 29.69 13.67 -14.89
C ILE A 218 30.36 14.99 -15.28
N GLY A 219 29.66 16.09 -14.97
CA GLY A 219 30.19 17.44 -15.12
C GLY A 219 30.47 18.03 -13.75
N SER A 220 30.85 19.30 -13.72
CA SER A 220 31.22 19.97 -12.48
C SER A 220 30.02 20.21 -11.57
N ASN A 221 28.84 20.34 -12.18
CA ASN A 221 27.60 20.57 -11.42
C ASN A 221 26.43 19.68 -11.83
N ASN A 222 26.68 18.71 -12.71
CA ASN A 222 25.62 17.85 -13.23
C ASN A 222 26.07 16.41 -13.43
N ILE A 223 25.10 15.50 -13.45
CA ILE A 223 25.34 14.11 -13.83
C ILE A 223 24.28 13.68 -14.84
N ARG A 224 24.69 12.86 -15.79
CA ARG A 224 23.80 12.35 -16.82
C ARG A 224 23.95 10.83 -16.95
N ALA A 225 22.83 10.12 -17.10
CA ALA A 225 22.82 8.67 -17.34
C ALA A 225 22.02 8.30 -18.58
N HIS A 226 22.64 7.52 -19.47
CA HIS A 226 22.01 7.04 -20.70
C HIS A 226 21.73 5.55 -20.59
N VAL A 227 20.46 5.15 -20.73
CA VAL A 227 20.09 3.74 -20.76
C VAL A 227 19.11 3.52 -21.90
N GLY A 228 19.45 2.63 -22.81
CA GLY A 228 18.62 2.39 -23.98
C GLY A 228 18.28 3.74 -24.59
N ASP A 229 16.99 4.00 -24.74
CA ASP A 229 16.52 5.23 -25.38
C ASP A 229 16.05 6.26 -24.35
N PHE A 230 16.71 6.28 -23.19
CA PHE A 230 16.40 7.22 -22.10
C PHE A 230 17.63 8.01 -21.68
N ILE A 231 17.44 9.30 -21.41
CA ILE A 231 18.52 10.16 -20.94
C ILE A 231 18.06 10.92 -19.71
N PHE A 232 18.73 10.69 -18.58
CA PHE A 232 18.43 11.38 -17.32
C PHE A 232 19.54 12.35 -16.96
N THR A 233 19.15 13.54 -16.49
CA THR A 233 20.11 14.54 -16.07
C THR A 233 19.67 15.16 -14.76
N SER A 234 20.61 15.27 -13.83
CA SER A 234 20.35 15.91 -12.55
C SER A 234 21.45 16.88 -12.20
N LYS A 235 21.10 17.88 -11.39
CA LYS A 235 22.10 18.70 -10.72
C LYS A 235 22.74 17.88 -9.60
N LEU A 236 23.94 18.30 -9.21
CA LEU A 236 24.66 17.72 -8.09
C LEU A 236 24.49 18.60 -6.86
N VAL A 237 24.90 18.07 -5.71
CA VAL A 237 24.86 18.80 -4.44
C VAL A 237 26.28 19.21 -4.02
N ASP A 238 26.43 20.44 -3.53
CA ASP A 238 27.70 20.92 -2.98
C ASP A 238 27.77 20.69 -1.47
N GLY A 239 28.98 20.57 -0.95
CA GLY A 239 29.20 20.32 0.49
C GLY A 239 30.25 19.25 0.71
N ARG A 240 30.73 19.12 1.95
CA ARG A 240 31.81 18.20 2.26
C ARG A 240 31.29 16.90 2.87
N PHE A 241 31.18 15.89 2.01
CA PHE A 241 30.63 14.59 2.40
C PHE A 241 31.60 13.85 3.32
N PRO A 242 31.09 13.15 4.35
CA PRO A 242 31.97 12.35 5.21
C PRO A 242 32.85 11.35 4.47
N ASP A 243 34.00 11.05 5.06
CA ASP A 243 34.93 10.07 4.52
C ASP A 243 34.68 8.73 5.21
N TYR A 244 34.17 7.75 4.46
CA TYR A 244 33.83 6.43 5.03
C TYR A 244 35.03 5.72 5.66
N ARG A 245 36.22 5.97 5.12
CA ARG A 245 37.44 5.34 5.60
C ARG A 245 37.72 5.64 7.08
N ARG A 246 37.38 6.85 7.51
CA ARG A 246 37.55 7.28 8.91
C ARG A 246 36.88 6.36 9.92
N VAL A 247 35.73 5.84 9.52
CA VAL A 247 34.76 5.30 10.45
C VAL A 247 34.75 3.77 10.46
N LEU A 248 35.47 3.15 9.53
CA LEU A 248 35.69 1.71 9.57
C LEU A 248 36.54 1.35 10.79
N PRO A 249 36.08 0.39 11.61
CA PRO A 249 36.91 -0.10 12.70
C PRO A 249 38.33 -0.42 12.22
N LYS A 250 39.31 0.25 12.80
CA LYS A 250 40.69 0.22 12.29
C LYS A 250 41.31 -1.18 12.32
N ASN A 251 41.32 -1.79 13.50
CA ASN A 251 41.89 -3.13 13.68
C ASN A 251 41.02 -3.96 14.62
N PRO A 252 39.80 -4.33 14.18
CA PRO A 252 38.82 -4.95 15.08
C PRO A 252 39.33 -6.24 15.70
N ASP A 253 39.23 -6.32 17.02
CA ASP A 253 39.68 -7.48 17.79
C ASP A 253 38.51 -8.43 18.13
N LYS A 254 37.29 -7.99 17.86
CA LYS A 254 36.09 -8.76 18.18
C LYS A 254 35.31 -9.04 16.90
N HIS A 255 35.12 -10.32 16.57
CA HIS A 255 34.40 -10.74 15.36
C HIS A 255 33.27 -11.69 15.71
N LEU A 256 32.08 -11.36 15.23
CA LEU A 256 30.89 -12.17 15.44
C LEU A 256 30.37 -12.62 14.08
N GLU A 257 29.95 -13.88 13.98
CA GLU A 257 29.27 -14.37 12.79
C GLU A 257 27.99 -15.08 13.20
N ALA A 258 26.91 -14.79 12.49
CA ALA A 258 25.61 -15.35 12.80
C ALA A 258 24.78 -15.44 11.54
N GLY A 259 23.73 -16.27 11.58
CA GLY A 259 22.77 -16.33 10.49
C GLY A 259 22.02 -15.02 10.37
N CYS A 260 21.89 -14.51 9.16
CA CYS A 260 21.27 -13.18 8.95
C CYS A 260 19.79 -13.17 9.34
N ASP A 261 19.05 -14.17 8.89
CA ASP A 261 17.61 -14.21 9.15
C ASP A 261 17.31 -14.40 10.64
N LEU A 262 18.04 -15.32 11.28
CA LEU A 262 17.90 -15.55 12.72
C LEU A 262 18.15 -14.28 13.50
N LEU A 263 19.27 -13.63 13.18
CA LEU A 263 19.64 -12.38 13.84
C LEU A 263 18.54 -11.34 13.63
N LYS A 264 18.08 -11.19 12.39
CA LYS A 264 17.04 -10.22 12.06
C LYS A 264 15.74 -10.46 12.82
N GLN A 265 15.29 -11.71 12.89
CA GLN A 265 14.04 -12.03 13.58
C GLN A 265 14.14 -11.77 15.09
N ALA A 266 15.29 -12.03 15.68
CA ALA A 266 15.51 -11.76 17.11
C ALA A 266 15.54 -10.26 17.40
N PHE A 267 16.28 -9.51 16.59
CA PHE A 267 16.26 -8.06 16.68
C PHE A 267 14.84 -7.51 16.49
N ALA A 268 14.10 -8.05 15.51
CA ALA A 268 12.72 -7.60 15.26
C ALA A 268 11.78 -7.82 16.45
N ARG A 269 11.87 -9.00 17.08
CA ARG A 269 11.08 -9.27 18.30
C ARG A 269 11.47 -8.39 19.48
N ALA A 270 12.78 -8.26 19.74
CA ALA A 270 13.27 -7.41 20.83
C ALA A 270 12.83 -5.96 20.65
N ALA A 271 12.79 -5.50 19.40
CA ALA A 271 12.42 -4.13 19.06
C ALA A 271 11.04 -3.77 19.57
N ILE A 272 10.15 -4.76 19.65
CA ILE A 272 8.77 -4.55 20.07
C ILE A 272 8.70 -3.91 21.45
N LEU A 273 9.61 -4.30 22.35
CA LEU A 273 9.61 -3.75 23.70
C LEU A 273 10.73 -2.72 23.93
N SER A 274 11.18 -2.09 22.86
CA SER A 274 12.17 -1.01 22.93
C SER A 274 11.44 0.33 23.01
N ASN A 275 12.13 1.36 23.49
CA ASN A 275 11.56 2.71 23.54
C ASN A 275 11.09 3.11 22.14
N GLU A 276 9.85 3.58 22.02
CA GLU A 276 9.26 3.87 20.72
C GLU A 276 9.99 5.00 19.97
N LYS A 277 10.50 5.97 20.72
CA LYS A 277 11.22 7.09 20.11
C LYS A 277 12.71 6.79 19.96
N PHE A 278 13.33 6.24 20.98
CA PHE A 278 14.79 6.07 21.03
C PHE A 278 15.31 4.70 20.55
N ARG A 279 14.44 3.70 20.54
CA ARG A 279 14.68 2.41 19.86
C ARG A 279 15.89 1.59 20.35
N GLY A 280 16.29 1.83 21.60
CA GLY A 280 17.52 1.25 22.13
C GLY A 280 17.41 -0.21 22.52
N VAL A 281 18.39 -0.99 22.07
CA VAL A 281 18.57 -2.37 22.50
C VAL A 281 20.00 -2.53 23.03
N ARG A 282 20.22 -3.54 23.89
CA ARG A 282 21.54 -3.85 24.41
C ARG A 282 22.00 -5.21 23.92
N LEU A 283 23.23 -5.26 23.44
CA LEU A 283 23.86 -6.50 22.99
C LEU A 283 24.91 -6.92 24.00
N TYR A 284 24.84 -8.17 24.44
CA TYR A 284 25.86 -8.77 25.28
C TYR A 284 26.53 -9.89 24.48
N VAL A 285 27.77 -9.67 24.07
CA VAL A 285 28.52 -10.68 23.31
C VAL A 285 29.45 -11.44 24.26
N SER A 286 29.48 -12.75 24.12
CA SER A 286 30.34 -13.61 24.90
C SER A 286 30.66 -14.80 24.03
N GLU A 287 31.52 -15.69 24.49
CA GLU A 287 31.98 -16.75 23.61
C GLU A 287 30.79 -17.49 23.02
N ASN A 288 30.74 -17.46 21.69
CA ASN A 288 29.71 -18.13 20.91
C ASN A 288 28.27 -17.88 21.37
N GLN A 289 28.01 -16.69 21.90
CA GLN A 289 26.67 -16.33 22.32
C GLN A 289 26.40 -14.83 22.18
N LEU A 290 25.21 -14.52 21.69
CA LEU A 290 24.71 -13.15 21.67
C LEU A 290 23.39 -13.13 22.44
N LYS A 291 23.27 -12.15 23.33
CA LYS A 291 22.03 -11.85 24.04
C LYS A 291 21.60 -10.44 23.67
N ILE A 292 20.33 -10.30 23.30
CA ILE A 292 19.78 -9.00 22.97
C ILE A 292 18.70 -8.71 23.99
N THR A 293 18.75 -7.52 24.58
CA THR A 293 17.70 -7.11 25.51
C THR A 293 17.12 -5.79 25.09
N ALA A 294 15.87 -5.59 25.48
CA ALA A 294 15.17 -4.35 25.24
C ALA A 294 14.25 -4.12 26.42
N ASN A 295 14.11 -2.85 26.79
CA ASN A 295 13.07 -2.48 27.72
C ASN A 295 12.63 -1.07 27.43
N ASN A 296 11.48 -0.70 27.99
CA ASN A 296 10.81 0.55 27.63
C ASN A 296 10.33 1.27 28.89
N PRO A 297 9.79 2.49 28.75
CA PRO A 297 9.32 3.21 29.95
C PRO A 297 8.22 2.47 30.73
N GLU A 298 7.41 1.68 30.05
CA GLU A 298 6.39 0.86 30.72
C GLU A 298 6.97 -0.35 31.47
N GLN A 299 8.29 -0.39 31.62
CA GLN A 299 8.99 -1.45 32.38
C GLN A 299 8.89 -2.84 31.74
N GLU A 300 8.47 -2.89 30.48
CA GLU A 300 8.34 -4.16 29.77
C GLU A 300 9.72 -4.57 29.27
N GLU A 301 9.94 -5.87 29.09
CA GLU A 301 11.27 -6.41 28.79
C GLU A 301 11.26 -7.54 27.79
N ALA A 302 12.18 -7.48 26.83
CA ALA A 302 12.44 -8.57 25.90
C ALA A 302 13.87 -9.10 26.09
N GLU A 303 14.05 -10.41 25.90
CA GLU A 303 15.39 -10.99 25.90
C GLU A 303 15.43 -12.05 24.82
N GLU A 304 16.45 -11.98 23.97
CA GLU A 304 16.71 -12.98 22.96
C GLU A 304 18.11 -13.52 23.16
N ILE A 305 18.26 -14.84 23.12
CA ILE A 305 19.57 -15.46 23.19
C ILE A 305 19.79 -16.29 21.94
N LEU A 306 20.94 -16.10 21.30
CA LEU A 306 21.26 -16.80 20.06
C LEU A 306 22.64 -17.40 20.11
N ASP A 307 22.79 -18.56 19.47
CA ASP A 307 24.10 -19.14 19.24
C ASP A 307 24.76 -18.37 18.10
N VAL A 308 26.00 -17.94 18.32
CA VAL A 308 26.78 -17.29 17.26
C VAL A 308 28.20 -17.84 17.31
N THR A 309 29.03 -17.42 16.36
CA THR A 309 30.46 -17.67 16.44
C THR A 309 31.14 -16.38 16.86
N TYR A 310 31.69 -16.39 18.08
CA TYR A 310 32.35 -15.21 18.62
C TYR A 310 33.57 -15.56 19.44
N SER A 311 34.73 -15.11 18.97
CA SER A 311 35.96 -15.06 19.77
C SER A 311 36.27 -13.59 20.07
N GLY A 312 36.87 -13.35 21.22
CA GLY A 312 37.15 -12.01 21.71
C GLY A 312 36.61 -11.84 23.11
N ALA A 313 36.96 -10.73 23.75
CA ALA A 313 36.51 -10.48 25.12
C ALA A 313 35.00 -10.26 25.14
N GLU A 314 34.40 -10.49 26.31
CA GLU A 314 32.98 -10.23 26.48
C GLU A 314 32.77 -8.72 26.49
N MET A 315 31.67 -8.25 25.91
CA MET A 315 31.33 -6.84 26.01
C MET A 315 29.85 -6.59 25.85
N GLU A 316 29.46 -5.40 26.31
CA GLU A 316 28.08 -4.95 26.26
C GLU A 316 28.07 -3.66 25.43
N ILE A 317 27.15 -3.56 24.47
CA ILE A 317 27.09 -2.42 23.56
C ILE A 317 25.63 -2.13 23.19
N GLY A 318 25.28 -0.85 23.11
CA GLY A 318 23.92 -0.42 22.81
C GLY A 318 23.75 0.09 21.40
N PHE A 319 22.56 -0.15 20.83
CA PHE A 319 22.26 0.30 19.46
C PHE A 319 20.79 0.69 19.30
N ASN A 320 20.56 1.56 18.33
CA ASN A 320 19.23 1.79 17.80
C ASN A 320 18.88 0.56 16.95
N VAL A 321 17.86 -0.17 17.38
CA VAL A 321 17.52 -1.45 16.74
C VAL A 321 17.06 -1.25 15.30
N SER A 322 16.47 -0.09 14.99
CA SER A 322 16.06 0.21 13.61
C SER A 322 17.25 0.27 12.66
N TYR A 323 18.36 0.86 13.13
CA TYR A 323 19.56 0.95 12.29
C TYR A 323 20.11 -0.43 12.02
N VAL A 324 20.11 -1.29 13.03
CA VAL A 324 20.60 -2.67 12.86
C VAL A 324 19.69 -3.44 11.89
N LEU A 325 18.38 -3.35 12.11
CA LEU A 325 17.41 -4.04 11.27
C LEU A 325 17.50 -3.59 9.81
N ASP A 326 17.68 -2.28 9.60
CA ASP A 326 17.88 -1.75 8.24
C ASP A 326 19.05 -2.45 7.55
N VAL A 327 20.15 -2.66 8.27
CA VAL A 327 21.32 -3.26 7.67
C VAL A 327 21.02 -4.71 7.32
N LEU A 328 20.42 -5.42 8.26
CA LEU A 328 20.14 -6.86 8.07
C LEU A 328 19.18 -7.08 6.89
N ASN A 329 18.17 -6.23 6.78
CA ASN A 329 17.24 -6.28 5.65
C ASN A 329 17.89 -5.96 4.32
N ALA A 330 18.92 -5.11 4.34
CA ALA A 330 19.68 -4.77 3.14
C ALA A 330 20.63 -5.88 2.71
N LEU A 331 21.10 -6.67 3.69
CA LEU A 331 21.95 -7.82 3.43
C LEU A 331 21.10 -9.01 3.03
N LYS A 332 20.98 -9.24 1.74
CA LYS A 332 20.21 -10.39 1.24
C LYS A 332 21.16 -11.60 1.17
N CYS A 333 21.44 -12.19 2.33
CA CYS A 333 22.46 -13.25 2.41
C CYS A 333 22.25 -14.22 3.58
N GLU A 334 23.06 -15.28 3.60
CA GLU A 334 22.91 -16.33 4.60
C GLU A 334 23.52 -15.94 5.94
N ASN A 335 24.78 -15.52 5.94
CA ASN A 335 25.48 -15.19 7.19
C ASN A 335 26.04 -13.78 7.20
N VAL A 336 26.04 -13.17 8.38
CA VAL A 336 26.56 -11.82 8.56
CA VAL A 336 26.52 -11.81 8.59
C VAL A 336 27.76 -11.84 9.49
N ARG A 337 28.69 -10.93 9.24
CA ARG A 337 29.85 -10.74 10.06
C ARG A 337 29.76 -9.35 10.69
N MET A 338 30.03 -9.26 11.98
CA MET A 338 30.11 -7.99 12.70
C MET A 338 31.49 -7.86 13.31
N MET A 339 32.08 -6.69 13.16
CA MET A 339 33.42 -6.41 13.63
C MET A 339 33.32 -5.25 14.62
N LEU A 340 33.83 -5.45 15.82
CA LEU A 340 33.68 -4.49 16.90
C LEU A 340 35.01 -4.15 17.52
N THR A 341 35.02 -3.03 18.25
CA THR A 341 36.16 -2.60 19.03
CA THR A 341 36.18 -2.66 19.06
C THR A 341 35.76 -2.53 20.52
N ASP A 342 34.99 -1.50 20.86
CA ASP A 342 34.54 -1.32 22.24
C ASP A 342 33.15 -0.69 22.29
N SER A 343 32.62 -0.52 23.48
CA SER A 343 31.22 -0.15 23.66
C SER A 343 30.90 1.28 23.23
N VAL A 344 31.92 2.11 22.98
CA VAL A 344 31.69 3.50 22.57
C VAL A 344 32.18 3.76 21.14
N SER A 345 32.42 2.70 20.39
CA SER A 345 32.92 2.82 19.01
C SER A 345 31.99 2.13 18.03
N SER A 346 32.15 2.48 16.77
CA SER A 346 31.28 1.97 15.71
C SER A 346 31.46 0.46 15.48
N VAL A 347 30.41 -0.16 14.95
CA VAL A 347 30.45 -1.57 14.56
C VAL A 347 30.40 -1.64 13.04
N GLN A 348 31.18 -2.54 12.46
CA GLN A 348 31.10 -2.80 11.04
C GLN A 348 30.34 -4.10 10.81
N ILE A 349 29.37 -4.05 9.89
CA ILE A 349 28.54 -5.20 9.56
C ILE A 349 28.62 -5.47 8.06
N GLU A 350 28.90 -6.73 7.70
CA GLU A 350 29.03 -7.15 6.31
C GLU A 350 28.42 -8.53 6.11
N ASP A 351 28.09 -8.82 4.84
CA ASP A 351 27.84 -10.18 4.37
C ASP A 351 29.11 -11.00 4.61
N ALA A 352 28.96 -12.12 5.28
CA ALA A 352 30.10 -13.02 5.54
C ALA A 352 30.77 -13.51 4.25
N ALA A 353 30.00 -13.56 3.16
CA ALA A 353 30.47 -14.08 1.87
C ALA A 353 30.84 -13.00 0.83
N SER A 354 30.65 -11.73 1.16
CA SER A 354 31.02 -10.64 0.25
C SER A 354 31.49 -9.40 0.99
N GLN A 355 32.62 -8.84 0.54
CA GLN A 355 33.15 -7.59 1.09
C GLN A 355 32.83 -6.36 0.21
N SER A 356 31.99 -6.56 -0.80
CA SER A 356 31.59 -5.49 -1.74
C SER A 356 30.81 -4.35 -1.08
N ALA A 357 30.09 -4.66 0.00
CA ALA A 357 29.39 -3.63 0.77
C ALA A 357 29.75 -3.72 2.23
N ALA A 358 29.82 -2.57 2.90
CA ALA A 358 30.03 -2.52 4.34
C ALA A 358 29.06 -1.52 4.97
N TYR A 359 28.67 -1.81 6.20
CA TYR A 359 27.73 -0.98 6.94
C TYR A 359 28.34 -0.62 8.28
N VAL A 360 28.25 0.65 8.64
CA VAL A 360 28.83 1.11 9.87
C VAL A 360 27.77 1.82 10.70
N VAL A 361 27.59 1.35 11.93
CA VAL A 361 26.59 1.89 12.84
C VAL A 361 27.26 2.32 14.14
N MET A 362 27.00 3.56 14.56
CA MET A 362 27.56 4.08 15.79
C MET A 362 26.61 3.73 16.93
N PRO A 363 27.16 3.27 18.08
CA PRO A 363 26.31 2.82 19.20
C PRO A 363 25.63 3.93 19.99
N MET A 364 24.75 3.51 20.89
CA MET A 364 24.14 4.38 21.88
C MET A 364 24.84 4.14 23.20
N ARG A 365 25.10 5.21 23.95
CA ARG A 365 25.65 5.13 25.29
C ARG A 365 24.56 4.67 26.27
N MET B 1 -2.78 -18.01 36.08
CA MET B 1 -3.20 -18.27 34.67
C MET B 1 -2.00 -18.78 33.89
N LYS B 2 -2.14 -19.96 33.31
CA LYS B 2 -1.06 -20.56 32.55
C LYS B 2 -1.60 -21.31 31.34
N PHE B 3 -0.93 -21.13 30.21
CA PHE B 3 -1.20 -21.92 29.02
C PHE B 3 0.00 -21.97 28.10
N THR B 4 0.10 -23.08 27.36
CA THR B 4 1.08 -23.26 26.30
C THR B 4 0.30 -23.63 25.04
N VAL B 5 0.46 -22.83 24.00
CA VAL B 5 -0.28 -22.99 22.74
CA VAL B 5 -0.26 -23.03 22.75
C VAL B 5 0.66 -22.79 21.55
N GLU B 6 0.42 -23.53 20.47
CA GLU B 6 1.16 -23.34 19.23
C GLU B 6 0.87 -21.95 18.65
N ARG B 7 1.92 -21.30 18.15
CA ARG B 7 1.80 -19.96 17.54
C ARG B 7 0.60 -19.85 16.60
N GLU B 8 0.44 -20.82 15.71
CA GLU B 8 -0.55 -20.74 14.63
C GLU B 8 -1.99 -20.79 15.16
N HIS B 9 -2.18 -21.40 16.32
CA HIS B 9 -3.51 -21.44 16.95
C HIS B 9 -3.89 -20.15 17.64
N LEU B 10 -2.94 -19.22 17.78
CA LEU B 10 -3.19 -17.91 18.38
C LEU B 10 -3.36 -16.79 17.36
N LEU B 11 -2.79 -16.95 16.17
CA LEU B 11 -2.64 -15.83 15.24
C LEU B 11 -3.96 -15.34 14.65
N LYS B 12 -4.79 -16.24 14.14
CA LYS B 12 -6.10 -15.85 13.62
C LYS B 12 -7.00 -15.31 14.73
N PRO B 13 -7.03 -15.98 15.91
CA PRO B 13 -7.81 -15.37 17.01
C PRO B 13 -7.35 -13.96 17.39
N LEU B 14 -6.04 -13.76 17.49
CA LEU B 14 -5.49 -12.45 17.82
C LEU B 14 -5.83 -11.41 16.75
N GLN B 15 -5.71 -11.81 15.48
CA GLN B 15 -6.10 -10.97 14.36
C GLN B 15 -7.55 -10.50 14.48
N GLN B 16 -8.44 -11.44 14.78
CA GLN B 16 -9.88 -11.14 14.86
C GLN B 16 -10.23 -10.22 16.01
N VAL B 17 -9.67 -10.48 17.18
CA VAL B 17 -10.03 -9.70 18.38
C VAL B 17 -9.35 -8.31 18.40
N SER B 18 -8.33 -8.12 17.57
CA SER B 18 -7.72 -6.81 17.39
C SER B 18 -8.54 -5.99 16.39
N LEU B 27 -9.36 5.18 26.77
CA LEU B 27 -9.01 4.34 27.89
C LEU B 27 -7.98 3.29 27.45
N PRO B 28 -6.80 3.25 28.12
CA PRO B 28 -5.72 2.33 27.74
C PRO B 28 -6.09 0.86 27.73
N ILE B 29 -7.06 0.46 28.54
CA ILE B 29 -7.46 -0.95 28.60
C ILE B 29 -8.19 -1.40 27.32
N LEU B 30 -8.71 -0.44 26.55
CA LEU B 30 -9.26 -0.72 25.22
C LEU B 30 -8.17 -1.09 24.20
N GLY B 31 -6.91 -0.82 24.53
CA GLY B 31 -5.77 -1.31 23.76
C GLY B 31 -5.26 -2.66 24.22
N ASN B 32 -5.90 -3.23 25.24
CA ASN B 32 -5.58 -4.56 25.73
C ASN B 32 -6.59 -5.60 25.30
N LEU B 33 -6.15 -6.86 25.29
CA LEU B 33 -7.00 -8.01 25.09
C LEU B 33 -7.20 -8.73 26.42
N LEU B 34 -8.46 -9.09 26.70
CA LEU B 34 -8.80 -9.92 27.83
C LEU B 34 -8.49 -11.37 27.48
N LEU B 35 -7.68 -12.02 28.33
CA LEU B 35 -7.37 -13.44 28.21
C LEU B 35 -7.98 -14.19 29.41
N GLN B 36 -8.72 -15.27 29.14
CA GLN B 36 -9.29 -16.09 30.20
C GLN B 36 -9.04 -17.56 29.92
N VAL B 37 -8.49 -18.27 30.90
CA VAL B 37 -8.33 -19.72 30.84
C VAL B 37 -9.38 -20.36 31.75
N ALA B 38 -10.32 -21.10 31.13
CA ALA B 38 -11.39 -21.74 31.88
C ALA B 38 -11.90 -22.95 31.13
N ASP B 39 -12.17 -24.04 31.85
CA ASP B 39 -12.84 -25.21 31.29
C ASP B 39 -12.17 -25.68 29.99
N GLY B 40 -10.84 -25.77 30.02
CA GLY B 40 -10.06 -26.26 28.88
C GLY B 40 -9.96 -25.30 27.70
N THR B 41 -10.30 -24.03 27.92
CA THR B 41 -10.40 -23.07 26.82
C THR B 41 -9.72 -21.76 27.15
N LEU B 42 -8.95 -21.24 26.20
CA LEU B 42 -8.49 -19.85 26.24
C LEU B 42 -9.47 -18.98 25.48
N SER B 43 -10.02 -17.97 26.15
CA SER B 43 -10.83 -16.96 25.49
C SER B 43 -10.04 -15.67 25.34
N LEU B 44 -10.23 -15.01 24.20
CA LEU B 44 -9.60 -13.71 23.94
C LEU B 44 -10.68 -12.73 23.53
N THR B 45 -10.69 -11.55 24.14
CA THR B 45 -11.70 -10.54 23.83
C THR B 45 -11.07 -9.20 23.59
N GLY B 46 -11.50 -8.54 22.52
CA GLY B 46 -11.19 -7.15 22.26
C GLY B 46 -12.47 -6.34 22.14
N THR B 47 -12.41 -5.05 22.49
CA THR B 47 -13.59 -4.19 22.47
C THR B 47 -13.21 -2.74 22.29
N ASP B 48 -14.15 -1.95 21.74
CA ASP B 48 -14.03 -0.50 21.71
C ASP B 48 -15.20 0.19 22.42
N LEU B 49 -15.88 -0.57 23.26
CA LEU B 49 -17.12 -0.14 23.96
C LEU B 49 -18.40 -0.20 23.11
N GLU B 50 -18.29 -0.02 21.79
CA GLU B 50 -19.43 -0.15 20.88
C GLU B 50 -19.64 -1.60 20.46
N MET B 51 -18.52 -2.28 20.17
CA MET B 51 -18.56 -3.65 19.71
C MET B 51 -17.45 -4.47 20.34
N GLU B 52 -17.58 -5.78 20.20
CA GLU B 52 -16.71 -6.71 20.86
C GLU B 52 -16.54 -7.97 19.99
N MET B 53 -15.34 -8.53 19.99
CA MET B 53 -15.06 -9.83 19.38
C MET B 53 -14.48 -10.77 20.43
N VAL B 54 -15.04 -11.97 20.54
CA VAL B 54 -14.54 -13.02 21.40
C VAL B 54 -14.10 -14.20 20.56
N ALA B 55 -12.88 -14.67 20.80
CA ALA B 55 -12.35 -15.85 20.11
C ALA B 55 -11.98 -16.93 21.12
N ARG B 56 -12.36 -18.17 20.83
CA ARG B 56 -12.05 -19.30 21.72
C ARG B 56 -11.01 -20.23 21.10
N VAL B 57 -10.08 -20.70 21.92
CA VAL B 57 -9.02 -21.61 21.49
C VAL B 57 -8.98 -22.84 22.40
N ALA B 58 -9.02 -24.04 21.82
CA ALA B 58 -8.98 -25.27 22.61
C ALA B 58 -7.59 -25.43 23.21
N LEU B 59 -7.52 -25.85 24.47
CA LEU B 59 -6.24 -26.03 25.15
C LEU B 59 -5.96 -27.50 25.34
N VAL B 60 -5.23 -28.10 24.40
CA VAL B 60 -4.86 -29.51 24.48
C VAL B 60 -3.73 -29.75 25.49
N GLN B 61 -2.88 -28.75 25.70
CA GLN B 61 -1.77 -28.88 26.64
C GLN B 61 -2.17 -28.46 28.05
N PRO B 62 -1.38 -28.88 29.06
CA PRO B 62 -1.68 -28.52 30.45
C PRO B 62 -1.81 -27.00 30.62
N HIS B 63 -2.71 -26.61 31.51
CA HIS B 63 -3.05 -25.21 31.69
C HIS B 63 -3.60 -24.99 33.09
N GLU B 64 -3.60 -23.72 33.51
CA GLU B 64 -4.09 -23.35 34.81
C GLU B 64 -5.04 -22.17 34.63
N PRO B 65 -6.17 -22.20 35.35
CA PRO B 65 -7.20 -21.17 35.17
C PRO B 65 -6.80 -19.80 35.72
N GLY B 66 -7.53 -18.78 35.27
CA GLY B 66 -7.27 -17.38 35.65
C GLY B 66 -7.50 -16.44 34.49
N ALA B 67 -7.34 -15.14 34.72
CA ALA B 67 -7.57 -14.14 33.69
C ALA B 67 -6.74 -12.86 33.88
N THR B 68 -6.41 -12.21 32.77
CA THR B 68 -5.72 -10.91 32.77
C THR B 68 -5.99 -10.16 31.47
N THR B 69 -5.47 -8.94 31.35
CA THR B 69 -5.45 -8.23 30.07
C THR B 69 -4.02 -7.80 29.74
N VAL B 70 -3.71 -7.78 28.44
CA VAL B 70 -2.36 -7.47 27.94
C VAL B 70 -2.45 -6.62 26.66
N PRO B 71 -1.49 -5.68 26.44
CA PRO B 71 -1.49 -4.88 25.20
C PRO B 71 -1.65 -5.74 23.94
N ALA B 72 -2.65 -5.41 23.12
CA ALA B 72 -3.04 -6.24 21.99
C ALA B 72 -1.95 -6.27 20.91
N ARG B 73 -1.54 -5.09 20.47
CA ARG B 73 -0.59 -5.00 19.37
C ARG B 73 0.77 -5.61 19.71
N LYS B 74 1.29 -5.31 20.90
CA LYS B 74 2.57 -5.90 21.34
C LYS B 74 2.50 -7.42 21.44
N PHE B 75 1.46 -7.93 22.08
CA PHE B 75 1.29 -9.37 22.22
C PHE B 75 1.13 -10.03 20.85
N PHE B 76 0.31 -9.43 19.99
CA PHE B 76 0.17 -9.91 18.62
C PHE B 76 1.51 -9.87 17.88
N ASP B 77 2.20 -8.74 17.93
CA ASP B 77 3.49 -8.60 17.24
C ASP B 77 4.54 -9.60 17.72
N ILE B 78 4.58 -9.88 19.02
CA ILE B 78 5.50 -10.90 19.56
C ILE B 78 5.15 -12.28 19.00
N CYS B 79 3.88 -12.66 19.11
CA CYS B 79 3.43 -13.95 18.63
C CYS B 79 3.73 -14.10 17.13
N ARG B 80 3.40 -13.08 16.34
CA ARG B 80 3.64 -13.09 14.90
C ARG B 80 5.14 -13.18 14.58
N GLY B 81 5.97 -12.52 15.40
CA GLY B 81 7.42 -12.46 15.18
C GLY B 81 8.19 -13.72 15.56
N LEU B 82 7.55 -14.60 16.31
CA LEU B 82 8.15 -15.90 16.65
C LEU B 82 8.09 -16.82 15.45
N PRO B 83 9.00 -17.83 15.40
CA PRO B 83 9.08 -18.64 14.20
C PRO B 83 7.87 -19.55 14.01
N GLU B 84 7.60 -19.93 12.76
CA GLU B 84 6.51 -20.82 12.45
C GLU B 84 6.66 -22.13 13.23
N GLY B 85 5.57 -22.58 13.85
CA GLY B 85 5.56 -23.81 14.63
C GLY B 85 5.89 -23.65 16.10
N ALA B 86 6.34 -22.45 16.48
CA ALA B 86 6.75 -22.18 17.86
C ALA B 86 5.65 -22.49 18.86
N GLU B 87 6.05 -23.05 19.99
CA GLU B 87 5.18 -23.23 21.16
C GLU B 87 5.32 -21.99 22.04
N ILE B 88 4.18 -21.40 22.40
CA ILE B 88 4.19 -20.16 23.17
C ILE B 88 3.62 -20.40 24.56
N ALA B 89 4.47 -20.24 25.56
CA ALA B 89 4.15 -20.50 26.96
C ALA B 89 3.88 -19.17 27.64
N VAL B 90 2.71 -19.06 28.25
CA VAL B 90 2.32 -17.85 28.91
C VAL B 90 1.97 -18.11 30.38
N GLN B 91 2.39 -17.21 31.25
CA GLN B 91 1.94 -17.24 32.63
C GLN B 91 1.99 -15.86 33.26
N LEU B 92 1.18 -15.67 34.30
CA LEU B 92 1.18 -14.42 35.05
C LEU B 92 2.27 -14.44 36.10
N GLU B 93 2.79 -13.26 36.41
CA GLU B 93 3.81 -13.11 37.44
C GLU B 93 3.80 -11.64 37.90
N GLY B 94 3.16 -11.40 39.04
CA GLY B 94 3.00 -10.06 39.57
C GLY B 94 2.06 -9.23 38.72
N GLU B 95 2.48 -8.01 38.37
CA GLU B 95 1.73 -7.15 37.47
C GLU B 95 2.18 -7.36 36.01
N ARG B 96 2.77 -8.52 35.71
CA ARG B 96 3.32 -8.79 34.38
C ARG B 96 2.81 -10.11 33.82
N MET B 97 2.70 -10.17 32.50
CA MET B 97 2.47 -11.43 31.82
C MET B 97 3.75 -11.86 31.13
N LEU B 98 4.20 -13.07 31.44
CA LEU B 98 5.42 -13.62 30.90
C LEU B 98 5.10 -14.46 29.67
N VAL B 99 5.80 -14.18 28.58
CA VAL B 99 5.69 -14.94 27.34
C VAL B 99 7.04 -15.55 27.01
N ARG B 100 7.06 -16.86 26.84
CA ARG B 100 8.29 -17.60 26.54
C ARG B 100 8.12 -18.58 25.37
N SER B 101 9.13 -18.60 24.51
CA SER B 101 9.19 -19.54 23.40
C SER B 101 10.64 -19.64 22.95
N GLY B 102 11.16 -20.86 22.85
CA GLY B 102 12.57 -21.08 22.52
C GLY B 102 13.46 -20.37 23.53
N ARG B 103 14.39 -19.55 23.03
CA ARG B 103 15.19 -18.69 23.92
C ARG B 103 14.79 -17.23 23.77
N SER B 104 13.50 -17.02 23.52
CA SER B 104 12.91 -15.70 23.50
C SER B 104 12.02 -15.57 24.73
N ARG B 105 12.14 -14.46 25.45
CA ARG B 105 11.36 -14.22 26.65
C ARG B 105 10.88 -12.77 26.65
N PHE B 106 9.62 -12.56 27.03
CA PHE B 106 9.00 -11.24 27.06
C PHE B 106 8.17 -11.05 28.31
N SER B 107 8.27 -9.86 28.89
CA SER B 107 7.49 -9.50 30.07
C SER B 107 6.64 -8.30 29.72
N LEU B 108 5.33 -8.53 29.61
CA LEU B 108 4.37 -7.49 29.23
C LEU B 108 3.64 -6.97 30.46
N SER B 109 3.32 -5.69 30.43
CA SER B 109 2.52 -5.07 31.49
C SER B 109 1.08 -5.53 31.34
N THR B 110 0.42 -5.78 32.46
CA THR B 110 -0.97 -6.20 32.42
C THR B 110 -1.87 -5.13 33.02
N LEU B 111 -3.17 -5.23 32.73
CA LEU B 111 -4.21 -4.50 33.47
C LEU B 111 -5.24 -5.51 33.94
N PRO B 112 -5.85 -5.27 35.12
CA PRO B 112 -6.76 -6.23 35.74
C PRO B 112 -7.89 -6.68 34.82
N ALA B 113 -8.16 -7.99 34.78
CA ALA B 113 -9.33 -8.52 34.07
C ALA B 113 -10.65 -7.89 34.56
N ALA B 114 -10.73 -7.59 35.86
CA ALA B 114 -11.93 -6.98 36.44
C ALA B 114 -12.23 -5.56 35.95
N ASP B 115 -11.25 -4.89 35.33
CA ASP B 115 -11.48 -3.57 34.75
C ASP B 115 -11.82 -3.61 33.27
N PHE B 116 -11.76 -4.79 32.65
CA PHE B 116 -12.08 -4.92 31.23
C PHE B 116 -13.60 -4.75 31.03
N PRO B 117 -14.01 -3.78 30.20
CA PRO B 117 -15.44 -3.47 30.03
C PRO B 117 -16.30 -4.62 29.50
N ASN B 118 -17.52 -4.72 30.02
CA ASN B 118 -18.53 -5.62 29.48
C ASN B 118 -19.58 -4.82 28.74
N LEU B 119 -20.05 -5.34 27.62
CA LEU B 119 -21.27 -4.83 27.02
C LEU B 119 -22.42 -5.31 27.89
N ASP B 120 -23.45 -4.48 28.03
CA ASP B 120 -24.62 -4.85 28.82
C ASP B 120 -25.28 -6.11 28.26
N ASP B 121 -25.92 -6.87 29.15
CA ASP B 121 -26.64 -8.07 28.74
C ASP B 121 -27.91 -7.65 28.01
N TRP B 122 -28.36 -8.48 27.07
CA TRP B 122 -29.56 -8.17 26.27
C TRP B 122 -30.18 -9.45 25.76
N GLN B 123 -31.45 -9.38 25.33
CA GLN B 123 -32.20 -10.56 24.92
C GLN B 123 -32.34 -10.66 23.39
N SER B 124 -32.13 -11.86 22.87
CA SER B 124 -32.29 -12.13 21.46
C SER B 124 -33.77 -12.17 21.10
N GLU B 125 -34.14 -11.40 20.08
CA GLU B 125 -35.53 -11.32 19.65
C GLU B 125 -35.78 -11.93 18.27
N VAL B 126 -34.82 -11.83 17.35
CA VAL B 126 -34.92 -12.53 16.06
C VAL B 126 -33.59 -13.21 15.70
N GLU B 127 -33.71 -14.42 15.17
CA GLU B 127 -32.55 -15.27 14.94
C GLU B 127 -32.65 -16.04 13.65
N PHE B 128 -31.52 -16.21 13.00
CA PHE B 128 -31.44 -17.04 11.82
C PHE B 128 -30.02 -17.51 11.58
N THR B 129 -29.93 -18.60 10.83
CA THR B 129 -28.68 -19.17 10.43
C THR B 129 -28.58 -19.04 8.92
N LEU B 130 -27.40 -18.72 8.42
CA LEU B 130 -27.14 -18.68 6.98
C LEU B 130 -25.70 -19.07 6.70
N PRO B 131 -25.41 -19.45 5.44
CA PRO B 131 -24.02 -19.71 5.09
C PRO B 131 -23.20 -18.41 5.11
N GLN B 132 -21.95 -18.51 5.56
CA GLN B 132 -21.03 -17.36 5.60
C GLN B 132 -20.92 -16.63 4.26
N ALA B 133 -20.84 -17.40 3.17
CA ALA B 133 -20.68 -16.84 1.84
C ALA B 133 -21.85 -15.93 1.46
N THR B 134 -23.03 -16.27 1.95
CA THR B 134 -24.22 -15.46 1.70
C THR B 134 -24.11 -14.10 2.38
N MET B 135 -23.74 -14.10 3.66
CA MET B 135 -23.51 -12.83 4.38
C MET B 135 -22.37 -12.02 3.77
N LYS B 136 -21.30 -12.68 3.36
CA LYS B 136 -20.19 -11.99 2.68
C LYS B 136 -20.67 -11.33 1.40
N ARG B 137 -21.49 -12.03 0.63
CA ARG B 137 -22.06 -11.48 -0.61
C ARG B 137 -22.89 -10.23 -0.31
N LEU B 138 -23.83 -10.36 0.62
CA LEU B 138 -24.72 -9.25 1.02
C LEU B 138 -23.95 -7.99 1.40
N ILE B 139 -22.94 -8.14 2.23
CA ILE B 139 -22.14 -7.00 2.68
C ILE B 139 -21.27 -6.44 1.56
N GLU B 140 -20.55 -7.32 0.87
CA GLU B 140 -19.65 -6.89 -0.23
C GLU B 140 -20.38 -6.14 -1.32
N ALA B 141 -21.62 -6.55 -1.59
CA ALA B 141 -22.38 -5.95 -2.67
C ALA B 141 -22.81 -4.51 -2.37
N THR B 142 -22.84 -4.13 -1.09
CA THR B 142 -23.42 -2.85 -0.67
C THR B 142 -22.51 -1.95 0.17
N GLN B 143 -21.54 -2.54 0.87
CA GLN B 143 -20.68 -1.80 1.79
C GLN B 143 -20.17 -0.45 1.26
N PHE B 144 -19.72 -0.42 0.01
CA PHE B 144 -19.11 0.78 -0.56
C PHE B 144 -20.04 2.01 -0.61
N SER B 145 -21.36 1.80 -0.51
CA SER B 145 -22.31 2.91 -0.59
C SER B 145 -22.77 3.43 0.77
N MET B 146 -22.18 2.96 1.86
CA MET B 146 -22.46 3.50 3.19
C MET B 146 -21.85 4.90 3.29
N ALA B 147 -22.46 5.76 4.08
CA ALA B 147 -21.89 7.08 4.35
C ALA B 147 -20.71 6.98 5.31
N HIS B 148 -19.84 8.00 5.26
CA HIS B 148 -18.70 8.13 6.17
C HIS B 148 -18.86 9.40 7.00
N GLN B 149 -19.04 9.24 8.32
CA GLN B 149 -19.07 10.37 9.26
C GLN B 149 -20.11 11.46 8.95
N ASP B 150 -21.20 11.08 8.29
CA ASP B 150 -22.26 12.03 7.94
C ASP B 150 -23.05 12.42 9.18
N VAL B 151 -23.44 13.69 9.28
CA VAL B 151 -24.28 14.16 10.40
C VAL B 151 -25.58 13.36 10.50
N ARG B 152 -26.10 12.93 9.35
CA ARG B 152 -27.22 11.99 9.32
C ARG B 152 -26.68 10.62 9.73
N TYR B 153 -26.51 10.46 11.05
CA TYR B 153 -25.78 9.36 11.66
C TYR B 153 -26.27 7.96 11.25
N TYR B 154 -27.57 7.85 10.96
CA TYR B 154 -28.19 6.58 10.54
C TYR B 154 -27.74 6.10 9.15
N LEU B 155 -27.09 6.97 8.37
CA LEU B 155 -26.50 6.59 7.09
C LEU B 155 -25.10 5.98 7.24
N ASN B 156 -24.47 6.15 8.41
CA ASN B 156 -23.14 5.67 8.68
C ASN B 156 -23.16 4.22 9.15
N GLY B 157 -23.75 3.37 8.31
CA GLY B 157 -23.97 1.98 8.64
C GLY B 157 -24.77 1.33 7.51
N MET B 158 -25.35 0.18 7.80
CA MET B 158 -25.98 -0.66 6.78
C MET B 158 -27.27 -1.21 7.33
N LEU B 159 -28.35 -1.07 6.57
CA LEU B 159 -29.64 -1.67 6.96
C LEU B 159 -29.58 -3.18 6.74
N PHE B 160 -29.97 -3.95 7.76
CA PHE B 160 -30.20 -5.39 7.60
C PHE B 160 -31.69 -5.66 7.79
N GLU B 161 -32.32 -6.10 6.71
CA GLU B 161 -33.77 -6.26 6.68
C GLU B 161 -34.13 -7.71 6.37
N THR B 162 -35.07 -8.25 7.14
CA THR B 162 -35.58 -9.60 6.92
C THR B 162 -37.01 -9.47 6.44
N GLU B 163 -37.34 -10.21 5.39
CA GLU B 163 -38.67 -10.21 4.82
C GLU B 163 -38.85 -11.54 4.08
N GLY B 164 -39.90 -12.28 4.41
CA GLY B 164 -40.18 -13.58 3.81
C GLY B 164 -39.08 -14.54 4.20
N GLU B 165 -38.42 -15.12 3.21
CA GLU B 165 -37.26 -15.98 3.44
C GLU B 165 -35.95 -15.33 3.00
N GLU B 166 -35.93 -14.01 2.81
CA GLU B 166 -34.68 -13.38 2.40
CA GLU B 166 -34.73 -13.29 2.34
C GLU B 166 -34.14 -12.39 3.43
N LEU B 167 -32.82 -12.29 3.44
CA LEU B 167 -32.12 -11.26 4.19
C LEU B 167 -31.66 -10.25 3.15
N ARG B 168 -31.88 -8.97 3.42
CA ARG B 168 -31.50 -7.89 2.51
C ARG B 168 -30.59 -6.88 3.21
N THR B 169 -29.56 -6.42 2.50
CA THR B 169 -28.75 -5.29 2.96
C THR B 169 -29.03 -4.06 2.11
N VAL B 170 -29.08 -2.90 2.74
CA VAL B 170 -29.21 -1.64 2.00
C VAL B 170 -28.19 -0.66 2.57
N ALA B 171 -27.53 0.06 1.67
CA ALA B 171 -26.57 1.08 2.05
C ALA B 171 -26.77 2.29 1.15
N THR B 172 -26.68 3.48 1.75
CA THR B 172 -26.76 4.69 0.97
C THR B 172 -26.10 5.83 1.71
N ASP B 173 -25.57 6.78 0.95
CA ASP B 173 -24.89 7.94 1.53
C ASP B 173 -25.74 9.18 1.30
N GLY B 174 -26.99 8.96 0.88
CA GLY B 174 -27.90 10.03 0.53
C GLY B 174 -27.83 10.45 -0.93
N HIS B 175 -26.87 9.89 -1.68
CA HIS B 175 -26.66 10.26 -3.08
C HIS B 175 -26.84 9.04 -3.97
N ARG B 176 -26.09 7.98 -3.70
CA ARG B 176 -26.24 6.72 -4.42
C ARG B 176 -26.66 5.61 -3.46
N LEU B 177 -27.29 4.56 -4.00
CA LEU B 177 -27.85 3.48 -3.17
C LEU B 177 -27.44 2.12 -3.71
N ALA B 178 -27.18 1.18 -2.81
CA ALA B 178 -26.98 -0.23 -3.14
C ALA B 178 -27.92 -1.09 -2.30
N VAL B 179 -28.50 -2.10 -2.92
CA VAL B 179 -29.37 -3.05 -2.25
C VAL B 179 -29.04 -4.46 -2.76
N CYS B 180 -28.97 -5.41 -1.82
CA CYS B 180 -28.74 -6.80 -2.18
C CYS B 180 -29.64 -7.70 -1.35
N SER B 181 -30.28 -8.67 -2.01
CA SER B 181 -31.26 -9.54 -1.36
C SER B 181 -30.93 -10.99 -1.66
N MET B 182 -30.95 -11.85 -0.65
CA MET B 182 -30.65 -13.28 -0.87
C MET B 182 -31.60 -14.16 -0.07
N PRO B 183 -32.11 -15.25 -0.68
CA PRO B 183 -32.91 -16.20 0.09
C PRO B 183 -32.04 -16.96 1.07
N ILE B 184 -32.50 -17.16 2.30
CA ILE B 184 -31.72 -17.93 3.29
C ILE B 184 -32.44 -19.18 3.83
N GLY B 185 -33.51 -19.60 3.17
CA GLY B 185 -34.14 -20.88 3.49
C GLY B 185 -34.76 -21.03 4.87
N GLN B 186 -35.17 -19.91 5.46
CA GLN B 186 -35.96 -19.90 6.70
C GLN B 186 -37.01 -18.81 6.59
N SER B 187 -38.21 -19.08 7.08
CA SER B 187 -39.24 -18.04 7.14
C SER B 187 -38.91 -17.07 8.27
N LEU B 188 -38.88 -15.78 7.94
CA LEU B 188 -38.40 -14.74 8.83
C LEU B 188 -39.51 -13.75 9.15
N PRO B 189 -39.50 -13.17 10.36
CA PRO B 189 -40.39 -12.05 10.61
C PRO B 189 -39.95 -10.83 9.83
N SER B 190 -40.85 -9.88 9.58
CA SER B 190 -40.48 -8.63 8.94
C SER B 190 -39.82 -7.73 9.97
N HIS B 191 -38.54 -7.43 9.76
CA HIS B 191 -37.76 -6.70 10.74
C HIS B 191 -36.59 -6.01 10.06
N SER B 192 -36.12 -4.90 10.62
CA SER B 192 -34.91 -4.28 10.09
C SER B 192 -34.16 -3.51 11.17
N VAL B 193 -32.84 -3.49 11.02
CA VAL B 193 -31.94 -2.82 11.96
C VAL B 193 -30.79 -2.19 11.19
N ILE B 194 -30.12 -1.24 11.83
CA ILE B 194 -28.99 -0.54 11.22
C ILE B 194 -27.75 -0.90 12.00
N VAL B 195 -26.79 -1.51 11.32
CA VAL B 195 -25.51 -1.92 11.90
C VAL B 195 -24.49 -0.83 11.61
N PRO B 196 -23.77 -0.33 12.64
CA PRO B 196 -22.80 0.75 12.42
C PRO B 196 -21.72 0.32 11.44
N ARG B 197 -21.24 1.27 10.65
CA ARG B 197 -20.28 0.93 9.59
C ARG B 197 -19.05 0.17 10.11
N LYS B 198 -18.50 0.58 11.26
CA LYS B 198 -17.37 -0.16 11.84
C LYS B 198 -17.75 -1.61 12.19
N GLY B 199 -18.99 -1.82 12.63
CA GLY B 199 -19.48 -3.17 12.89
C GLY B 199 -19.62 -4.00 11.63
N VAL B 200 -20.08 -3.37 10.55
CA VAL B 200 -20.20 -4.05 9.26
C VAL B 200 -18.83 -4.58 8.82
N ILE B 201 -17.82 -3.72 8.94
CA ILE B 201 -16.44 -4.05 8.58
C ILE B 201 -15.89 -5.23 9.40
N GLU B 202 -16.08 -5.17 10.71
CA GLU B 202 -15.58 -6.24 11.59
C GLU B 202 -16.34 -7.56 11.34
N LEU B 203 -17.65 -7.48 11.13
CA LEU B 203 -18.46 -8.65 10.80
C LEU B 203 -17.96 -9.27 9.50
N MET B 204 -17.75 -8.43 8.49
CA MET B 204 -17.23 -8.86 7.19
C MET B 204 -15.91 -9.62 7.32
N ARG B 205 -14.98 -9.10 8.11
CA ARG B 205 -13.66 -9.72 8.20
CA ARG B 205 -13.65 -9.69 8.24
C ARG B 205 -13.63 -10.94 9.14
N MET B 206 -14.70 -11.16 9.91
CA MET B 206 -14.84 -12.37 10.71
C MET B 206 -15.17 -13.59 9.84
N LEU B 207 -15.64 -13.35 8.62
CA LEU B 207 -16.09 -14.43 7.74
C LEU B 207 -14.91 -14.98 6.96
N ASP B 208 -14.59 -16.26 7.19
CA ASP B 208 -13.31 -16.83 6.73
C ASP B 208 -13.42 -17.66 5.46
N GLY B 209 -14.54 -17.56 4.75
CA GLY B 209 -14.75 -18.32 3.53
C GLY B 209 -14.88 -19.82 3.72
N GLY B 210 -15.34 -20.25 4.91
CA GLY B 210 -15.35 -21.66 5.29
C GLY B 210 -16.73 -22.31 5.35
N ASP B 211 -16.77 -23.51 5.94
CA ASP B 211 -17.99 -24.31 5.99
C ASP B 211 -18.79 -24.14 7.30
N ASN B 212 -18.27 -23.39 8.27
CA ASN B 212 -19.01 -23.06 9.49
C ASN B 212 -20.26 -22.22 9.20
N PRO B 213 -21.44 -22.64 9.71
CA PRO B 213 -22.63 -21.80 9.57
C PRO B 213 -22.50 -20.50 10.38
N LEU B 214 -23.14 -19.44 9.92
CA LEU B 214 -23.17 -18.17 10.65
C LEU B 214 -24.53 -18.04 11.35
N ARG B 215 -24.52 -17.90 12.66
CA ARG B 215 -25.76 -17.69 13.43
C ARG B 215 -25.84 -16.23 13.80
N VAL B 216 -26.94 -15.60 13.40
CA VAL B 216 -27.22 -14.21 13.72
C VAL B 216 -28.34 -14.10 14.75
N GLN B 217 -28.14 -13.22 15.73
CA GLN B 217 -29.12 -12.94 16.76
C GLN B 217 -29.25 -11.43 16.87
N ILE B 218 -30.48 -10.95 16.74
CA ILE B 218 -30.79 -9.52 16.76
C ILE B 218 -31.66 -9.20 17.99
N GLY B 219 -31.20 -8.27 18.80
CA GLY B 219 -31.99 -7.71 19.90
C GLY B 219 -32.50 -6.32 19.56
N SER B 220 -33.19 -5.67 20.49
CA SER B 220 -33.71 -4.32 20.22
C SER B 220 -32.61 -3.31 19.90
N ASN B 221 -31.47 -3.39 20.59
CA ASN B 221 -30.41 -2.40 20.40
C ASN B 221 -29.02 -3.01 20.13
N ASN B 222 -28.98 -4.31 19.84
CA ASN B 222 -27.72 -5.03 19.68
C ASN B 222 -27.84 -6.11 18.60
N ILE B 223 -26.70 -6.51 18.06
CA ILE B 223 -26.63 -7.63 17.13
C ILE B 223 -25.42 -8.49 17.47
N ARG B 224 -25.60 -9.79 17.36
CA ARG B 224 -24.54 -10.75 17.61
C ARG B 224 -24.43 -11.68 16.43
N ALA B 225 -23.19 -11.98 16.03
CA ALA B 225 -22.96 -12.93 14.96
C ALA B 225 -21.96 -13.95 15.46
N HIS B 226 -22.30 -15.22 15.34
CA HIS B 226 -21.36 -16.27 15.76
C HIS B 226 -21.10 -17.31 14.67
N VAL B 227 -19.80 -17.53 14.46
CA VAL B 227 -19.29 -18.51 13.49
CA VAL B 227 -19.33 -18.53 13.51
C VAL B 227 -18.15 -19.28 14.15
N GLY B 228 -18.29 -20.60 14.24
CA GLY B 228 -17.29 -21.46 14.88
C GLY B 228 -16.81 -20.93 16.22
N ASP B 229 -15.52 -20.61 16.29
CA ASP B 229 -14.86 -20.19 17.54
C ASP B 229 -14.93 -18.69 17.82
N PHE B 230 -15.70 -17.95 17.02
CA PHE B 230 -15.74 -16.49 17.11
C PHE B 230 -17.14 -15.98 17.37
N ILE B 231 -17.26 -14.98 18.25
CA ILE B 231 -18.53 -14.34 18.54
C ILE B 231 -18.35 -12.83 18.49
N PHE B 232 -19.08 -12.20 17.57
CA PHE B 232 -19.05 -10.74 17.40
C PHE B 232 -20.33 -10.14 17.95
N THR B 233 -20.22 -9.05 18.69
CA THR B 233 -21.40 -8.35 19.22
C THR B 233 -21.23 -6.86 18.99
N SER B 234 -22.32 -6.19 18.62
CA SER B 234 -22.31 -4.75 18.36
C SER B 234 -23.62 -4.06 18.74
N LYS B 235 -23.52 -2.77 19.06
CA LYS B 235 -24.70 -1.95 19.23
C LYS B 235 -25.28 -1.64 17.86
N LEU B 236 -26.58 -1.45 17.79
CA LEU B 236 -27.22 -1.01 16.57
C LEU B 236 -27.26 0.51 16.55
N VAL B 237 -27.42 1.10 15.37
CA VAL B 237 -27.66 2.53 15.26
C VAL B 237 -29.13 2.77 15.53
N ASP B 238 -29.40 3.48 16.63
CA ASP B 238 -30.76 3.77 17.03
C ASP B 238 -31.28 4.94 16.19
N GLY B 239 -31.85 4.63 15.02
CA GLY B 239 -32.38 5.64 14.12
C GLY B 239 -33.25 5.07 13.02
N ARG B 240 -33.77 5.97 12.17
CA ARG B 240 -34.69 5.60 11.10
C ARG B 240 -33.99 5.64 9.75
N PHE B 241 -33.93 4.49 9.08
CA PHE B 241 -33.29 4.39 7.77
C PHE B 241 -34.28 4.83 6.69
N PRO B 242 -33.79 5.45 5.59
CA PRO B 242 -34.69 5.77 4.48
C PRO B 242 -35.17 4.51 3.73
N ASP B 243 -36.36 4.59 3.13
CA ASP B 243 -36.94 3.44 2.43
C ASP B 243 -36.33 3.29 1.04
N TYR B 244 -35.70 2.15 0.77
CA TYR B 244 -35.05 1.92 -0.54
C TYR B 244 -36.07 1.83 -1.67
N ARG B 245 -37.27 1.36 -1.35
CA ARG B 245 -38.30 1.16 -2.37
C ARG B 245 -38.67 2.45 -3.08
N ARG B 246 -38.65 3.57 -2.34
CA ARG B 246 -39.01 4.86 -2.92
C ARG B 246 -37.96 5.39 -3.90
N VAL B 247 -36.71 4.92 -3.76
CA VAL B 247 -35.61 5.35 -4.62
C VAL B 247 -35.59 4.61 -5.97
N LEU B 248 -36.04 3.36 -6.00
CA LEU B 248 -35.99 2.55 -7.23
C LEU B 248 -36.92 3.11 -8.32
N PRO B 249 -36.40 3.28 -9.55
CA PRO B 249 -37.26 3.77 -10.65
C PRO B 249 -38.34 2.76 -11.08
N LYS B 250 -39.46 3.26 -11.61
CA LYS B 250 -40.64 2.43 -11.93
C LYS B 250 -40.70 1.95 -13.38
N ASN B 251 -40.80 0.63 -13.56
CA ASN B 251 -40.90 -0.01 -14.88
C ASN B 251 -39.95 0.55 -15.94
N PRO B 252 -38.66 0.76 -15.60
CA PRO B 252 -37.76 1.30 -16.62
C PRO B 252 -37.81 0.41 -17.87
N ASP B 253 -38.11 1.00 -19.02
CA ASP B 253 -38.37 0.22 -20.22
C ASP B 253 -37.26 0.34 -21.27
N LYS B 254 -36.11 0.89 -20.87
CA LYS B 254 -34.98 1.07 -21.76
C LYS B 254 -33.73 0.43 -21.16
N HIS B 255 -33.55 -0.85 -21.45
CA HIS B 255 -32.43 -1.59 -20.90
C HIS B 255 -31.26 -1.61 -21.87
N LEU B 256 -30.13 -1.05 -21.43
CA LEU B 256 -28.86 -1.18 -22.12
C LEU B 256 -28.08 -2.30 -21.46
N GLU B 257 -27.55 -3.22 -22.26
CA GLU B 257 -26.69 -4.29 -21.75
C GLU B 257 -25.33 -4.25 -22.44
N ALA B 258 -24.27 -4.41 -21.66
CA ALA B 258 -22.91 -4.34 -22.19
C ALA B 258 -21.94 -5.15 -21.33
N GLY B 259 -20.82 -5.51 -21.93
CA GLY B 259 -19.74 -6.15 -21.18
C GLY B 259 -19.33 -5.26 -20.02
N CYS B 260 -19.26 -5.84 -18.81
CA CYS B 260 -18.92 -5.05 -17.61
C CYS B 260 -17.59 -4.34 -17.77
N ASP B 261 -16.56 -5.10 -18.17
CA ASP B 261 -15.22 -4.52 -18.24
C ASP B 261 -15.06 -3.47 -19.34
N LEU B 262 -15.59 -3.74 -20.52
CA LEU B 262 -15.57 -2.76 -21.61
C LEU B 262 -16.26 -1.46 -21.19
N LEU B 263 -17.41 -1.60 -20.54
CA LEU B 263 -18.16 -0.43 -20.10
C LEU B 263 -17.37 0.34 -19.04
N LYS B 264 -16.78 -0.39 -18.10
CA LYS B 264 -15.98 0.21 -17.04
C LYS B 264 -14.73 0.94 -17.59
N GLN B 265 -14.02 0.32 -18.52
CA GLN B 265 -12.83 0.95 -19.08
C GLN B 265 -13.16 2.20 -19.88
N ALA B 266 -14.30 2.22 -20.55
CA ALA B 266 -14.75 3.40 -21.30
C ALA B 266 -15.07 4.54 -20.35
N PHE B 267 -15.81 4.24 -19.27
CA PHE B 267 -16.08 5.26 -18.24
C PHE B 267 -14.80 5.74 -17.55
N ALA B 268 -13.86 4.83 -17.27
CA ALA B 268 -12.62 5.19 -16.58
C ALA B 268 -11.75 6.17 -17.40
N ARG B 269 -11.66 5.95 -18.71
CA ARG B 269 -10.91 6.88 -19.56
C ARG B 269 -11.63 8.23 -19.66
N ALA B 270 -12.94 8.21 -19.90
CA ALA B 270 -13.71 9.45 -20.01
C ALA B 270 -13.65 10.26 -18.71
N ALA B 271 -13.65 9.56 -17.57
CA ALA B 271 -13.56 10.20 -16.25
C ALA B 271 -12.32 11.07 -16.07
N ILE B 272 -11.25 10.73 -16.77
CA ILE B 272 -10.02 11.50 -16.70
C ILE B 272 -10.24 12.98 -17.03
N LEU B 273 -11.13 13.28 -17.99
CA LEU B 273 -11.38 14.67 -18.40
C LEU B 273 -12.74 15.19 -17.89
N SER B 274 -13.28 14.54 -16.86
CA SER B 274 -14.47 15.03 -16.15
C SER B 274 -14.09 16.02 -15.05
N ASN B 275 -15.08 16.81 -14.63
CA ASN B 275 -14.93 17.74 -13.50
C ASN B 275 -14.46 16.99 -12.26
N GLU B 276 -13.38 17.45 -11.66
CA GLU B 276 -12.76 16.74 -10.55
C GLU B 276 -13.65 16.67 -9.31
N LYS B 277 -14.51 17.66 -9.14
CA LYS B 277 -15.39 17.71 -7.97
C LYS B 277 -16.71 16.99 -8.19
N PHE B 278 -17.38 17.26 -9.31
CA PHE B 278 -18.72 16.76 -9.57
C PHE B 278 -18.80 15.60 -10.56
N ARG B 279 -17.73 15.39 -11.31
CA ARG B 279 -17.48 14.12 -12.02
C ARG B 279 -18.59 13.71 -12.99
N GLY B 280 -19.32 14.69 -13.51
CA GLY B 280 -20.41 14.43 -14.45
C GLY B 280 -19.91 13.96 -15.80
N VAL B 281 -20.54 12.89 -16.32
CA VAL B 281 -20.37 12.45 -17.71
C VAL B 281 -21.75 12.28 -18.34
N ARG B 282 -21.83 12.45 -19.65
CA ARG B 282 -23.08 12.30 -20.39
C ARG B 282 -23.10 10.98 -21.16
N LEU B 283 -24.27 10.37 -21.24
CA LEU B 283 -24.51 9.20 -22.08
C LEU B 283 -25.49 9.59 -23.17
N TYR B 284 -25.17 9.24 -24.41
CA TYR B 284 -26.10 9.28 -25.54
C TYR B 284 -26.35 7.83 -25.98
N VAL B 285 -27.57 7.35 -25.77
CA VAL B 285 -27.91 5.97 -26.14
CA VAL B 285 -27.93 5.97 -26.13
C VAL B 285 -28.73 5.94 -27.43
N SER B 286 -28.34 5.03 -28.34
CA SER B 286 -29.04 4.83 -29.62
C SER B 286 -28.96 3.34 -29.97
N GLU B 287 -29.57 2.95 -31.09
CA GLU B 287 -29.67 1.55 -31.46
C GLU B 287 -28.31 0.83 -31.36
N ASN B 288 -28.20 -0.08 -30.40
CA ASN B 288 -26.99 -0.84 -30.12
C ASN B 288 -25.71 -0.01 -30.06
N GLN B 289 -25.80 1.21 -29.57
CA GLN B 289 -24.62 2.06 -29.46
C GLN B 289 -24.74 2.98 -28.25
N LEU B 290 -23.61 3.17 -27.58
CA LEU B 290 -23.50 4.12 -26.48
C LEU B 290 -22.34 5.06 -26.76
N LYS B 291 -22.57 6.35 -26.56
CA LYS B 291 -21.50 7.33 -26.59
C LYS B 291 -21.42 8.00 -25.23
N ILE B 292 -20.22 8.06 -24.67
CA ILE B 292 -19.97 8.70 -23.39
C ILE B 292 -19.09 9.91 -23.64
N THR B 293 -19.48 11.07 -23.10
CA THR B 293 -18.64 12.26 -23.17
C THR B 293 -18.37 12.82 -21.78
N ALA B 294 -17.26 13.54 -21.67
CA ALA B 294 -16.89 14.22 -20.46
C ALA B 294 -16.17 15.50 -20.81
N ASN B 295 -16.38 16.55 -20.03
CA ASN B 295 -15.55 17.74 -20.11
C ASN B 295 -15.36 18.40 -18.78
N ASN B 296 -14.33 19.25 -18.70
CA ASN B 296 -13.98 19.89 -17.46
C ASN B 296 -13.90 21.41 -17.67
N PRO B 297 -13.68 22.17 -16.59
CA PRO B 297 -13.67 23.63 -16.72
C PRO B 297 -12.55 24.19 -17.59
N GLU B 298 -11.48 23.42 -17.79
CA GLU B 298 -10.42 23.80 -18.72
C GLU B 298 -10.80 23.48 -20.16
N GLN B 299 -12.02 22.96 -20.36
CA GLN B 299 -12.58 22.69 -21.69
C GLN B 299 -11.91 21.54 -22.42
N GLU B 300 -11.26 20.67 -21.68
CA GLU B 300 -10.76 19.41 -22.23
C GLU B 300 -11.94 18.47 -22.39
N GLU B 301 -11.87 17.59 -23.38
CA GLU B 301 -13.01 16.78 -23.75
C GLU B 301 -12.61 15.34 -24.02
N ALA B 302 -13.45 14.41 -23.57
CA ALA B 302 -13.30 12.98 -23.89
C ALA B 302 -14.57 12.44 -24.55
N GLU B 303 -14.42 11.46 -25.43
CA GLU B 303 -15.54 10.78 -26.03
C GLU B 303 -15.22 9.31 -26.20
N GLU B 304 -16.15 8.45 -25.80
CA GLU B 304 -16.05 7.01 -25.98
C GLU B 304 -17.29 6.52 -26.70
N ILE B 305 -17.11 5.78 -27.78
CA ILE B 305 -18.24 5.13 -28.45
C ILE B 305 -18.00 3.64 -28.39
N LEU B 306 -19.03 2.88 -27.99
CA LEU B 306 -18.91 1.43 -27.97
C LEU B 306 -20.22 0.73 -28.32
N ASP B 307 -20.08 -0.51 -28.78
CA ASP B 307 -21.22 -1.35 -29.09
C ASP B 307 -21.82 -1.89 -27.80
N VAL B 308 -23.13 -1.82 -27.72
CA VAL B 308 -23.91 -2.37 -26.60
C VAL B 308 -25.16 -3.00 -27.21
N THR B 309 -25.96 -3.63 -26.37
CA THR B 309 -27.28 -4.09 -26.81
C THR B 309 -28.28 -3.06 -26.34
N TYR B 310 -29.00 -2.44 -27.27
CA TYR B 310 -30.01 -1.44 -26.93
C TYR B 310 -30.98 -1.24 -28.08
N SER B 311 -32.28 -1.36 -27.80
CA SER B 311 -33.33 -1.20 -28.81
C SER B 311 -34.40 -0.17 -28.42
N GLY B 312 -34.19 0.56 -27.33
CA GLY B 312 -35.16 1.57 -26.90
C GLY B 312 -35.09 2.87 -27.70
N ALA B 313 -35.95 3.83 -27.37
CA ALA B 313 -35.88 5.16 -27.97
C ALA B 313 -34.57 5.85 -27.62
N GLU B 314 -34.07 6.68 -28.53
CA GLU B 314 -32.84 7.42 -28.28
C GLU B 314 -33.05 8.32 -27.07
N MET B 315 -32.00 8.48 -26.27
CA MET B 315 -32.08 9.39 -25.12
C MET B 315 -30.69 9.77 -24.60
N GLU B 316 -30.67 10.87 -23.84
CA GLU B 316 -29.45 11.35 -23.21
C GLU B 316 -29.65 11.36 -21.70
N ILE B 317 -28.56 11.16 -20.96
CA ILE B 317 -28.59 11.23 -19.51
C ILE B 317 -27.17 11.47 -18.97
N GLY B 318 -27.07 12.19 -17.85
CA GLY B 318 -25.80 12.40 -17.18
C GLY B 318 -25.77 11.69 -15.85
N PHE B 319 -24.57 11.26 -15.45
CA PHE B 319 -24.34 10.59 -14.17
C PHE B 319 -23.00 11.03 -13.60
N ASN B 320 -22.89 11.00 -12.27
CA ASN B 320 -21.60 11.01 -11.59
C ASN B 320 -20.80 9.76 -11.94
N VAL B 321 -19.68 9.92 -12.64
CA VAL B 321 -18.91 8.77 -13.15
C VAL B 321 -18.24 7.97 -12.03
N SER B 322 -17.86 8.63 -10.94
CA SER B 322 -17.31 7.93 -9.77
C SER B 322 -18.33 6.93 -9.20
N TYR B 323 -19.58 7.36 -9.08
CA TYR B 323 -20.63 6.47 -8.58
C TYR B 323 -20.86 5.29 -9.54
N VAL B 324 -20.88 5.56 -10.83
CA VAL B 324 -21.07 4.51 -11.83
C VAL B 324 -19.89 3.54 -11.77
N LEU B 325 -18.66 4.06 -11.70
CA LEU B 325 -17.48 3.19 -11.60
C LEU B 325 -17.48 2.35 -10.31
N ASP B 326 -17.93 2.94 -9.20
CA ASP B 326 -18.02 2.19 -7.93
C ASP B 326 -18.93 0.97 -8.12
N VAL B 327 -20.05 1.17 -8.81
CA VAL B 327 -21.00 0.08 -9.07
C VAL B 327 -20.39 -1.01 -9.95
N LEU B 328 -19.73 -0.62 -11.04
CA LEU B 328 -19.16 -1.58 -11.99
C LEU B 328 -18.01 -2.37 -11.37
N ASN B 329 -17.21 -1.71 -10.55
CA ASN B 329 -16.15 -2.39 -9.80
C ASN B 329 -16.71 -3.35 -8.76
N ALA B 330 -17.86 -3.00 -8.18
CA ALA B 330 -18.52 -3.88 -7.21
C ALA B 330 -19.15 -5.10 -7.88
N LEU B 331 -19.71 -4.92 -9.08
CA LEU B 331 -20.36 -6.02 -9.81
C LEU B 331 -19.39 -7.14 -10.23
N LYS B 332 -18.21 -6.79 -10.73
CA LYS B 332 -17.21 -7.80 -11.16
C LYS B 332 -17.84 -9.01 -11.88
N CYS B 333 -18.70 -8.74 -12.84
CA CYS B 333 -19.37 -9.80 -13.59
C CYS B 333 -19.03 -9.68 -15.07
N GLU B 334 -19.69 -10.47 -15.89
CA GLU B 334 -19.40 -10.50 -17.31
C GLU B 334 -20.17 -9.40 -18.05
N ASN B 335 -21.46 -9.30 -17.77
CA ASN B 335 -22.34 -8.35 -18.44
C ASN B 335 -23.18 -7.58 -17.42
N VAL B 336 -23.45 -6.32 -17.73
CA VAL B 336 -24.23 -5.43 -16.88
CA VAL B 336 -24.25 -5.45 -16.87
C VAL B 336 -25.46 -4.95 -17.64
N ARG B 337 -26.56 -4.69 -16.92
CA ARG B 337 -27.71 -4.02 -17.51
C ARG B 337 -27.89 -2.68 -16.82
N MET B 338 -28.04 -1.63 -17.63
CA MET B 338 -28.41 -0.29 -17.13
C MET B 338 -29.87 -0.08 -17.53
N MET B 339 -30.74 0.04 -16.53
CA MET B 339 -32.17 0.13 -16.75
C MET B 339 -32.55 1.61 -16.70
N LEU B 340 -32.85 2.15 -17.87
CA LEU B 340 -33.03 3.60 -18.07
C LEU B 340 -34.49 3.97 -18.31
N THR B 341 -34.83 5.20 -17.97
CA THR B 341 -36.17 5.74 -18.20
C THR B 341 -36.09 6.99 -19.09
N ASP B 342 -35.42 8.04 -18.60
CA ASP B 342 -35.26 9.29 -19.34
C ASP B 342 -34.21 10.18 -18.69
N SER B 343 -34.00 11.36 -19.28
CA SER B 343 -32.96 12.29 -18.83
C SER B 343 -33.16 12.85 -17.42
N VAL B 344 -34.37 12.74 -16.89
CA VAL B 344 -34.69 13.33 -15.60
C VAL B 344 -35.00 12.28 -14.52
N SER B 345 -34.64 11.03 -14.79
CA SER B 345 -34.89 9.91 -13.87
C SER B 345 -33.58 9.18 -13.51
N SER B 346 -33.58 8.52 -12.36
CA SER B 346 -32.43 7.74 -11.91
C SER B 346 -32.23 6.54 -12.83
N VAL B 347 -31.07 5.90 -12.69
CA VAL B 347 -30.78 4.66 -13.41
C VAL B 347 -30.63 3.55 -12.38
N GLN B 348 -31.03 2.34 -12.74
CA GLN B 348 -30.79 1.17 -11.91
C GLN B 348 -29.81 0.27 -12.67
N ILE B 349 -28.74 -0.15 -12.00
CA ILE B 349 -27.71 -0.97 -12.62
C ILE B 349 -27.70 -2.33 -11.92
N GLU B 350 -27.61 -3.39 -12.71
CA GLU B 350 -27.58 -4.75 -12.19
C GLU B 350 -26.65 -5.60 -13.02
N ASP B 351 -26.16 -6.68 -12.43
CA ASP B 351 -25.57 -7.76 -13.21
C ASP B 351 -26.66 -8.21 -14.17
N ALA B 352 -26.35 -8.27 -15.46
CA ALA B 352 -27.34 -8.65 -16.47
C ALA B 352 -27.94 -10.03 -16.17
N ALA B 353 -27.18 -10.88 -15.50
CA ALA B 353 -27.62 -12.25 -15.19
C ALA B 353 -28.27 -12.44 -13.81
N SER B 354 -28.46 -11.36 -13.04
CA SER B 354 -29.04 -11.49 -11.69
C SER B 354 -29.67 -10.19 -11.17
N GLN B 355 -30.85 -10.30 -10.58
CA GLN B 355 -31.55 -9.18 -9.95
C GLN B 355 -31.24 -9.08 -8.45
N SER B 356 -30.33 -9.91 -7.96
CA SER B 356 -30.10 -10.02 -6.53
C SER B 356 -29.50 -8.73 -5.96
N ALA B 357 -28.60 -8.10 -6.71
CA ALA B 357 -28.05 -6.79 -6.35
C ALA B 357 -28.52 -5.71 -7.31
N ALA B 358 -28.91 -4.56 -6.77
CA ALA B 358 -29.33 -3.43 -7.60
C ALA B 358 -28.71 -2.15 -7.06
N TYR B 359 -28.42 -1.23 -7.97
CA TYR B 359 -27.74 0.00 -7.62
C TYR B 359 -28.44 1.15 -8.27
N VAL B 360 -28.67 2.23 -7.52
CA VAL B 360 -29.32 3.41 -8.06
C VAL B 360 -28.40 4.63 -8.02
N VAL B 361 -28.32 5.31 -9.16
CA VAL B 361 -27.51 6.49 -9.36
C VAL B 361 -28.46 7.55 -9.90
N MET B 362 -28.37 8.75 -9.33
CA MET B 362 -29.23 9.86 -9.69
C MET B 362 -28.79 10.48 -11.01
N PRO B 363 -29.71 11.18 -11.70
CA PRO B 363 -29.36 11.83 -12.95
C PRO B 363 -28.70 13.18 -12.71
N MET B 364 -27.76 13.55 -13.57
CA MET B 364 -27.18 14.89 -13.58
C MET B 364 -27.57 15.60 -14.87
N ARG B 365 -27.95 16.88 -14.74
CA ARG B 365 -28.12 17.79 -15.87
C ARG B 365 -26.78 18.51 -16.09
N LEU B 366 -26.11 18.19 -17.18
CA LEU B 366 -24.78 18.75 -17.42
C LEU B 366 -24.80 19.91 -18.42
C ACE C 1 22.94 7.70 22.75
O ACE C 1 24.16 7.70 22.79
CH3 ACE C 1 22.24 8.30 23.97
N GLN C 2 22.36 8.11 21.59
CA GLN C 2 22.99 7.90 20.25
C GLN C 2 24.26 8.74 20.14
N LEU C 3 25.36 8.10 19.77
CA LEU C 3 26.59 8.84 19.50
C LEU C 3 26.63 9.23 18.03
N ASP C 4 27.26 10.37 17.75
CA ASP C 4 27.49 10.79 16.38
C ASP C 4 28.54 9.86 15.81
N LEU C 5 28.35 9.50 14.54
CA LEU C 5 29.27 8.63 13.83
C LEU C 5 30.61 9.33 13.65
N ALA C 6 31.66 8.71 14.17
CA ALA C 6 33.00 9.29 14.11
C ALA C 6 34.05 8.23 14.46
C1 PEG D . -7.13 0.98 -32.95
O1 PEG D . -6.04 0.79 -32.05
C2 PEG D . -6.80 2.03 -34.01
O2 PEG D . -6.86 3.35 -33.45
C3 PEG D . -5.87 4.28 -33.94
C4 PEG D . -6.39 5.04 -35.15
O4 PEG D . -6.79 6.37 -34.76
CA CA E . 37.05 4.33 19.11
C1 PGE F . 9.92 0.69 -32.14
O1 PGE F . 9.25 0.49 -33.40
C2 PGE F . 9.43 1.98 -31.49
O2 PGE F . 10.55 2.80 -31.15
C3 PGE F . 11.13 2.52 -29.87
C4 PGE F . 12.65 2.70 -29.97
O4 PGE F . 15.20 6.30 -31.69
C6 PGE F . 14.62 5.82 -30.47
C5 PGE F . 14.25 4.34 -30.60
O3 PGE F . 12.98 4.09 -30.00
CL CL G . 33.72 -1.46 0.05
CA CA H . -13.67 14.84 -28.62
O1 PG4 I . -30.18 -17.68 26.38
C1 PG4 I . -29.09 -16.78 26.17
C2 PG4 I . -29.55 -15.60 25.30
O2 PG4 I . -28.41 -14.95 24.77
C3 PG4 I . -28.58 -14.30 23.51
C4 PG4 I . -28.84 -12.82 23.71
O3 PG4 I . -27.62 -12.08 23.84
C5 PG4 I . -26.82 -12.49 24.94
C6 PG4 I . -26.00 -11.34 25.48
O4 PG4 I . -25.66 -11.64 26.85
C7 PG4 I . -24.28 -11.93 27.10
C8 PG4 I . -24.01 -13.42 26.98
O5 PG4 I . -22.64 -13.66 26.63
C1 PEG J . -12.72 -5.70 18.53
O1 PEG J . -12.05 -5.71 17.27
C2 PEG J . -13.30 -4.32 18.86
O2 PEG J . -13.02 -3.35 17.84
C3 PEG J . -11.79 -2.67 18.06
C4 PEG J . -11.59 -1.58 17.01
O4 PEG J . -12.51 -0.51 17.25
C1 PEG K . -10.85 13.98 -12.12
O1 PEG K . -12.08 14.13 -12.84
C2 PEG K . -9.67 14.39 -13.00
O2 PEG K . -9.25 13.28 -13.79
C3 PEG K . -7.83 13.13 -13.93
C4 PEG K . -7.44 11.66 -13.84
O4 PEG K . -8.17 11.05 -12.77
#